data_3VXP
#
_entry.id   3VXP
#
_cell.length_a   71.731
_cell.length_b   88.741
_cell.length_c   155.829
_cell.angle_alpha   90.00
_cell.angle_beta   90.00
_cell.angle_gamma   90.00
#
_symmetry.space_group_name_H-M   'P 21 21 21'
#
loop_
_entity.id
_entity.type
_entity.pdbx_description
1 polymer 'HLA class I histocompatibility antigen, A-24 alpha chain'
2 polymer Beta-2-microglobulin
3 polymer '10-mer peptide from Protein Nef'
4 water water
#
loop_
_entity_poly.entity_id
_entity_poly.type
_entity_poly.pdbx_seq_one_letter_code
_entity_poly.pdbx_strand_id
1 'polypeptide(L)'
;MGSHSMRYFSTSVSRPGRGEPRFIAVGYVDDTQFVRFDSDAASQRMEPRAPWIEQEGPEYWDEETGKVKAHSQTDRENLR
IALRYYNQSEAGSHTLQMMFGCDVGSDGRFLRGYHQYAYDGKDYIALKEDLRSWTAADMAAQITKRKWEAAHVAEQQRAY
LEGTCVDGLRRYLENGKETLQRTDPPKTHMTHHPISDHEATLRCWALGFYPAEITLTWQRDGEDQTQDTELVETRPAGDG
TFQKWAAVVVPSGEEQRYTCHVQHEGLPKPLTLRW
;
A,D
2 'polypeptide(L)'
;MIQRTPKIQVYSRHPAENGKSNFLNCYVSGFHPSDIEVDLLKNGERIEKVEHSDLSFSKDWSFYLLYYTEFTPTEKDEYA
CRVNHVTLSQPKIVKWDRDM
;
B,E
3 'polypeptide(L)' RYPLTLGWCF C,F
#
# COMPACT_ATOMS: atom_id res chain seq x y z
N GLY A 2 -17.95 38.48 -0.43
CA GLY A 2 -18.34 38.09 -1.81
C GLY A 2 -18.73 36.63 -1.87
N SER A 3 -18.66 36.04 -3.06
CA SER A 3 -18.95 34.62 -3.24
C SER A 3 -17.83 33.74 -2.69
N HIS A 4 -18.18 32.50 -2.39
CA HIS A 4 -17.20 31.48 -2.04
C HIS A 4 -17.58 30.17 -2.67
N SER A 5 -16.60 29.30 -2.84
CA SER A 5 -16.79 28.02 -3.53
C SER A 5 -16.14 26.89 -2.75
N MET A 6 -16.78 25.73 -2.77
CA MET A 6 -16.12 24.50 -2.32
C MET A 6 -16.05 23.48 -3.46
N ARG A 7 -14.89 22.84 -3.59
CA ARG A 7 -14.65 21.93 -4.67
C ARG A 7 -13.89 20.72 -4.16
N TYR A 8 -14.21 19.56 -4.72
CA TYR A 8 -13.38 18.38 -4.58
C TYR A 8 -13.02 17.92 -5.97
N PHE A 9 -11.76 17.56 -6.14
CA PHE A 9 -11.25 17.11 -7.40
C PHE A 9 -10.64 15.74 -7.17
N SER A 10 -11.06 14.74 -7.95
CA SER A 10 -10.42 13.42 -7.85
C SER A 10 -9.95 12.92 -9.21
N THR A 11 -8.89 12.10 -9.16
CA THR A 11 -8.22 11.53 -10.33
C THR A 11 -7.84 10.08 -10.08
N SER A 12 -8.39 9.18 -10.87
CA SER A 12 -8.01 7.75 -10.85
C SER A 12 -7.20 7.44 -12.10
N VAL A 13 -6.07 6.75 -11.94
CA VAL A 13 -5.25 6.37 -13.10
C VAL A 13 -4.90 4.88 -13.09
N SER A 14 -5.49 4.11 -14.00
CA SER A 14 -5.18 2.69 -14.05
C SER A 14 -3.69 2.50 -14.34
N ARG A 15 -3.13 1.43 -13.81
CA ARG A 15 -1.71 1.13 -13.93
C ARG A 15 -1.58 -0.31 -14.40
N PRO A 16 -1.84 -0.54 -15.70
CA PRO A 16 -1.95 -1.88 -16.29
C PRO A 16 -0.68 -2.67 -16.03
N GLY A 17 -0.87 -3.90 -15.57
CA GLY A 17 0.24 -4.79 -15.23
C GLY A 17 1.00 -4.41 -13.96
N ARG A 18 0.58 -3.32 -13.32
CA ARG A 18 1.34 -2.72 -12.23
C ARG A 18 0.51 -2.47 -10.97
N GLY A 19 -0.53 -3.30 -10.77
CA GLY A 19 -1.33 -3.23 -9.55
C GLY A 19 -2.57 -2.36 -9.68
N GLU A 20 -3.24 -2.12 -8.55
CA GLU A 20 -4.44 -1.28 -8.48
C GLU A 20 -4.25 0.15 -9.01
N PRO A 21 -5.34 0.83 -9.39
CA PRO A 21 -5.27 2.22 -9.85
C PRO A 21 -4.81 3.17 -8.73
N ARG A 22 -4.16 4.26 -9.12
CA ARG A 22 -3.79 5.33 -8.21
C ARG A 22 -4.95 6.31 -8.10
N PHE A 23 -5.33 6.65 -6.87
CA PHE A 23 -6.42 7.58 -6.63
C PHE A 23 -5.95 8.74 -5.77
N ILE A 24 -6.02 9.94 -6.33
CA ILE A 24 -5.73 11.16 -5.58
C ILE A 24 -6.96 12.07 -5.61
N ALA A 25 -7.34 12.54 -4.43
CA ALA A 25 -8.39 13.52 -4.30
C ALA A 25 -7.90 14.66 -3.43
N VAL A 26 -8.31 15.86 -3.78
CA VAL A 26 -8.01 17.05 -3.02
C VAL A 26 -9.30 17.84 -2.84
N GLY A 27 -9.38 18.56 -1.73
CA GLY A 27 -10.49 19.47 -1.49
C GLY A 27 -10.05 20.92 -1.36
N TYR A 28 -10.86 21.81 -1.92
CA TYR A 28 -10.57 23.24 -1.96
C TYR A 28 -11.76 24.08 -1.48
N VAL A 29 -11.44 25.10 -0.68
CA VAL A 29 -12.34 26.23 -0.51
C VAL A 29 -11.73 27.42 -1.25
N ASP A 30 -12.47 27.93 -2.24
CA ASP A 30 -11.96 28.95 -3.16
C ASP A 30 -10.60 28.53 -3.72
N ASP A 31 -9.62 29.42 -3.62
CA ASP A 31 -8.30 29.12 -4.16
C ASP A 31 -7.36 28.49 -3.14
N THR A 32 -7.89 28.10 -1.98
CA THR A 32 -7.08 27.43 -0.97
C THR A 32 -7.43 25.95 -0.80
N GLN A 33 -6.39 25.11 -0.84
CA GLN A 33 -6.54 23.69 -0.58
C GLN A 33 -6.67 23.43 0.92
N PHE A 34 -7.41 22.39 1.30
CA PHE A 34 -7.54 22.07 2.72
C PHE A 34 -7.45 20.60 3.16
N VAL A 35 -7.70 19.67 2.25
CA VAL A 35 -7.55 18.23 2.53
C VAL A 35 -7.11 17.44 1.31
N ARG A 36 -6.60 16.24 1.55
CA ARG A 36 -6.11 15.39 0.48
C ARG A 36 -6.22 13.93 0.88
N PHE A 37 -6.32 13.08 -0.13
CA PHE A 37 -6.24 11.64 0.07
C PHE A 37 -5.53 10.99 -1.11
N ASP A 38 -4.62 10.08 -0.81
CA ASP A 38 -3.83 9.41 -1.83
C ASP A 38 -3.94 7.91 -1.57
N SER A 39 -4.34 7.15 -2.60
CA SER A 39 -4.56 5.71 -2.42
C SER A 39 -3.25 4.97 -2.14
N ASP A 40 -2.15 5.49 -2.66
CA ASP A 40 -0.83 4.88 -2.50
C ASP A 40 -0.15 5.23 -1.18
N ALA A 41 -0.64 6.26 -0.49
CA ALA A 41 0.01 6.70 0.76
C ALA A 41 -0.17 5.62 1.84
N ALA A 42 0.81 5.51 2.73
CA ALA A 42 0.75 4.53 3.81
C ALA A 42 -0.29 4.83 4.90
N SER A 43 -0.60 6.11 5.12
CA SER A 43 -1.52 6.49 6.22
C SER A 43 -2.96 6.04 6.00
N GLN A 44 -3.40 5.98 4.74
CA GLN A 44 -4.76 5.53 4.40
C GLN A 44 -5.86 6.40 5.02
N ARG A 45 -5.61 7.70 5.15
CA ARG A 45 -6.57 8.61 5.74
C ARG A 45 -6.72 9.91 4.95
N MET A 46 -7.83 10.60 5.16
CA MET A 46 -7.98 11.96 4.67
C MET A 46 -7.12 12.85 5.56
N GLU A 47 -6.08 13.44 4.99
CA GLU A 47 -5.12 14.24 5.76
C GLU A 47 -5.43 15.75 5.68
N PRO A 48 -5.10 16.52 6.73
CA PRO A 48 -5.35 17.97 6.67
C PRO A 48 -4.27 18.70 5.85
N ARG A 49 -4.68 19.72 5.08
CA ARG A 49 -3.73 20.48 4.24
C ARG A 49 -3.79 21.99 4.44
N ALA A 50 -4.47 22.39 5.51
CA ALA A 50 -4.59 23.77 5.92
C ALA A 50 -4.69 23.76 7.45
N PRO A 51 -4.23 24.84 8.11
CA PRO A 51 -4.31 24.97 9.57
C PRO A 51 -5.74 24.95 10.14
N TRP A 52 -6.68 25.58 9.44
CA TRP A 52 -8.02 25.82 9.99
C TRP A 52 -8.93 24.61 9.96
N ILE A 53 -8.46 23.53 9.33
CA ILE A 53 -9.21 22.28 9.29
C ILE A 53 -8.77 21.32 10.41
N GLU A 54 -7.68 21.68 11.09
CA GLU A 54 -7.12 20.87 12.17
C GLU A 54 -7.96 20.90 13.44
N GLN A 55 -8.79 21.92 13.58
CA GLN A 55 -9.71 22.03 14.71
C GLN A 55 -10.99 21.20 14.53
N GLU A 56 -10.88 20.11 13.76
CA GLU A 56 -12.01 19.21 13.54
C GLU A 56 -11.82 17.92 14.33
N GLY A 57 -12.92 17.39 14.86
CA GLY A 57 -12.86 16.17 15.66
C GLY A 57 -12.50 14.92 14.86
N PRO A 58 -12.26 13.78 15.56
CA PRO A 58 -11.94 12.51 14.90
C PRO A 58 -13.16 11.87 14.23
N GLU A 59 -14.36 12.36 14.54
CA GLU A 59 -15.57 11.94 13.82
C GLU A 59 -15.47 12.42 12.38
N TYR A 60 -15.21 13.71 12.22
CA TYR A 60 -14.95 14.31 10.91
C TYR A 60 -13.95 13.47 10.10
N TRP A 61 -12.76 13.24 10.67
CA TRP A 61 -11.71 12.48 9.97
C TRP A 61 -12.07 11.04 9.64
N ASP A 62 -12.95 10.44 10.43
CA ASP A 62 -13.45 9.09 10.16
C ASP A 62 -14.43 9.13 8.99
N GLU A 63 -15.42 10.02 9.10
CA GLU A 63 -16.48 10.11 8.09
C GLU A 63 -15.89 10.38 6.72
N GLU A 64 -14.98 11.36 6.66
CA GLU A 64 -14.39 11.79 5.41
C GLU A 64 -13.44 10.72 4.88
N THR A 65 -12.73 10.04 5.77
CA THR A 65 -11.89 8.93 5.32
C THR A 65 -12.76 7.86 4.67
N GLY A 66 -13.82 7.45 5.38
CA GLY A 66 -14.76 6.46 4.86
C GLY A 66 -15.23 6.83 3.46
N LYS A 67 -15.72 8.06 3.33
CA LYS A 67 -16.35 8.51 2.09
C LYS A 67 -15.36 8.57 0.92
N VAL A 68 -14.16 9.07 1.15
CA VAL A 68 -13.16 9.16 0.08
C VAL A 68 -12.60 7.80 -0.28
N LYS A 69 -12.33 6.96 0.71
CA LYS A 69 -11.87 5.61 0.47
C LYS A 69 -12.90 4.82 -0.34
N ALA A 70 -14.18 5.02 -0.06
CA ALA A 70 -15.24 4.35 -0.78
C ALA A 70 -15.30 4.83 -2.23
N HIS A 71 -15.18 6.14 -2.46
CA HIS A 71 -15.18 6.66 -3.83
C HIS A 71 -14.04 6.12 -4.66
N SER A 72 -12.89 5.84 -4.05
CA SER A 72 -11.77 5.24 -4.79
C SER A 72 -12.12 3.87 -5.36
N GLN A 73 -12.92 3.10 -4.61
CA GLN A 73 -13.32 1.76 -5.05
C GLN A 73 -14.38 1.83 -6.14
N THR A 74 -15.30 2.76 -5.98
CA THR A 74 -16.28 3.06 -7.02
C THR A 74 -15.59 3.46 -8.31
N ASP A 75 -14.61 4.36 -8.25
CA ASP A 75 -13.95 4.79 -9.50
C ASP A 75 -13.04 3.71 -10.07
N ARG A 76 -12.39 2.96 -9.18
CA ARG A 76 -11.66 1.77 -9.59
C ARG A 76 -12.52 0.82 -10.41
N GLU A 77 -13.74 0.55 -9.94
CA GLU A 77 -14.67 -0.26 -10.71
C GLU A 77 -15.11 0.49 -11.97
N ASN A 78 -15.34 1.80 -11.86
CA ASN A 78 -15.72 2.60 -13.04
C ASN A 78 -14.73 2.51 -14.23
N LEU A 79 -13.44 2.40 -13.93
CA LEU A 79 -12.45 2.23 -15.00
C LEU A 79 -12.64 0.91 -15.71
N ARG A 80 -12.93 -0.14 -14.95
CA ARG A 80 -13.17 -1.45 -15.53
C ARG A 80 -14.42 -1.44 -16.39
N ILE A 81 -15.47 -0.80 -15.89
CA ILE A 81 -16.69 -0.61 -16.67
C ILE A 81 -16.40 0.18 -17.96
N ALA A 82 -15.65 1.28 -17.84
CA ALA A 82 -15.33 2.11 -19.01
C ALA A 82 -14.61 1.33 -20.12
N LEU A 83 -13.59 0.55 -19.74
CA LEU A 83 -12.88 -0.34 -20.68
C LEU A 83 -13.87 -1.16 -21.48
N ARG A 84 -14.70 -1.92 -20.78
CA ARG A 84 -15.69 -2.79 -21.41
C ARG A 84 -16.67 -1.98 -22.28
N TYR A 85 -17.18 -0.87 -21.77
CA TYR A 85 -18.09 -0.01 -22.56
C TYR A 85 -17.47 0.36 -23.92
N TYR A 86 -16.21 0.81 -23.90
CA TYR A 86 -15.49 1.21 -25.13
C TYR A 86 -14.67 0.10 -25.81
N ASN A 87 -14.68 -1.10 -25.23
CA ASN A 87 -13.79 -2.21 -25.64
C ASN A 87 -12.36 -1.77 -25.92
N GLN A 88 -11.67 -1.37 -24.85
CA GLN A 88 -10.31 -0.85 -24.94
C GLN A 88 -9.36 -1.82 -24.27
N SER A 89 -8.17 -1.93 -24.83
CA SER A 89 -7.19 -2.88 -24.33
C SER A 89 -6.84 -2.59 -22.87
N GLU A 90 -6.82 -3.65 -22.06
CA GLU A 90 -6.36 -3.57 -20.68
C GLU A 90 -4.93 -3.08 -20.57
N ALA A 91 -4.19 -3.15 -21.67
CA ALA A 91 -2.78 -2.78 -21.71
C ALA A 91 -2.55 -1.27 -21.57
N GLY A 92 -3.55 -0.49 -21.97
CA GLY A 92 -3.46 0.97 -21.92
C GLY A 92 -3.98 1.52 -20.61
N SER A 93 -3.32 2.54 -20.11
CA SER A 93 -3.72 3.26 -18.91
C SER A 93 -4.78 4.30 -19.23
N HIS A 94 -5.81 4.39 -18.40
CA HIS A 94 -6.84 5.41 -18.58
C HIS A 94 -7.09 6.17 -17.31
N THR A 95 -7.57 7.41 -17.46
CA THR A 95 -7.80 8.33 -16.36
C THR A 95 -9.27 8.66 -16.21
N LEU A 96 -9.72 8.77 -14.97
CA LEU A 96 -11.05 9.20 -14.67
C LEU A 96 -10.98 10.36 -13.68
N GLN A 97 -11.53 11.51 -14.06
CA GLN A 97 -11.50 12.65 -13.17
C GLN A 97 -12.92 13.00 -12.74
N MET A 98 -13.05 13.63 -11.57
CA MET A 98 -14.35 13.99 -11.04
C MET A 98 -14.29 15.36 -10.40
N MET A 99 -15.28 16.20 -10.70
CA MET A 99 -15.41 17.46 -9.99
C MET A 99 -16.73 17.53 -9.23
N PHE A 100 -16.63 17.93 -7.96
CA PHE A 100 -17.80 18.07 -7.10
C PHE A 100 -17.71 19.28 -6.18
N GLY A 101 -18.80 20.07 -6.14
CA GLY A 101 -18.91 21.13 -5.14
C GLY A 101 -20.06 22.11 -5.30
N CYS A 102 -20.03 23.15 -4.48
CA CYS A 102 -21.09 24.14 -4.39
C CYS A 102 -20.52 25.56 -4.36
N ASP A 103 -21.33 26.54 -4.81
CA ASP A 103 -21.03 27.98 -4.67
C ASP A 103 -22.05 28.67 -3.76
N VAL A 104 -21.58 29.55 -2.88
CA VAL A 104 -22.47 30.43 -2.10
C VAL A 104 -22.21 31.91 -2.36
N GLY A 105 -23.23 32.74 -2.13
CA GLY A 105 -23.10 34.19 -2.14
C GLY A 105 -22.53 34.69 -0.83
N SER A 106 -22.53 36.01 -0.63
CA SER A 106 -21.95 36.64 0.57
C SER A 106 -22.78 36.38 1.82
N ASP A 107 -24.10 36.31 1.62
CA ASP A 107 -25.06 36.06 2.70
C ASP A 107 -25.05 34.60 3.16
N GLY A 108 -24.29 33.77 2.45
CA GLY A 108 -24.11 32.36 2.81
C GLY A 108 -25.04 31.38 2.11
N ARG A 109 -25.93 31.89 1.26
CA ARG A 109 -26.92 31.04 0.61
C ARG A 109 -26.43 30.39 -0.68
N PHE A 110 -27.08 29.29 -1.04
CA PHE A 110 -26.78 28.53 -2.25
C PHE A 110 -26.83 29.39 -3.50
N LEU A 111 -25.85 29.22 -4.37
CA LEU A 111 -25.85 29.82 -5.70
C LEU A 111 -25.81 28.75 -6.78
N ARG A 112 -24.97 27.74 -6.58
CA ARG A 112 -24.74 26.73 -7.62
C ARG A 112 -24.10 25.44 -7.11
N GLY A 113 -24.37 24.34 -7.82
CA GLY A 113 -23.83 23.03 -7.51
C GLY A 113 -23.33 22.31 -8.75
N TYR A 114 -22.34 21.44 -8.55
CA TYR A 114 -21.62 20.79 -9.65
C TYR A 114 -21.30 19.34 -9.35
N HIS A 115 -21.51 18.49 -10.34
CA HIS A 115 -21.07 17.11 -10.25
C HIS A 115 -20.80 16.58 -11.63
N GLN A 116 -19.53 16.34 -11.92
CA GLN A 116 -19.19 15.89 -13.26
C GLN A 116 -17.96 15.04 -13.39
N TYR A 117 -17.95 14.26 -14.46
CA TYR A 117 -16.93 13.26 -14.68
C TYR A 117 -16.31 13.47 -16.05
N ALA A 118 -14.99 13.29 -16.13
CA ALA A 118 -14.30 13.18 -17.41
C ALA A 118 -13.59 11.84 -17.55
N TYR A 119 -13.74 11.23 -18.72
CA TYR A 119 -12.97 10.03 -19.05
C TYR A 119 -11.89 10.44 -20.05
N ASP A 120 -10.65 10.03 -19.76
CA ASP A 120 -9.46 10.41 -20.54
C ASP A 120 -9.43 11.87 -20.99
N GLY A 121 -9.61 12.79 -20.04
CA GLY A 121 -9.60 14.20 -20.38
C GLY A 121 -10.83 14.77 -21.07
N LYS A 122 -11.78 13.91 -21.47
CA LYS A 122 -12.99 14.37 -22.15
C LYS A 122 -14.24 14.26 -21.28
N ASP A 123 -15.07 15.31 -21.29
CA ASP A 123 -16.38 15.31 -20.63
C ASP A 123 -17.04 13.94 -20.79
N TYR A 124 -17.54 13.38 -19.70
CA TYR A 124 -18.24 12.10 -19.75
C TYR A 124 -19.70 12.31 -19.34
N ILE A 125 -19.90 12.73 -18.09
CA ILE A 125 -21.25 12.95 -17.57
C ILE A 125 -21.28 14.13 -16.60
N ALA A 126 -22.33 14.95 -16.68
CA ALA A 126 -22.42 16.09 -15.79
C ALA A 126 -23.82 16.29 -15.29
N LEU A 127 -23.95 16.72 -14.04
CA LEU A 127 -25.23 17.21 -13.53
C LEU A 127 -25.48 18.60 -14.14
N LYS A 128 -26.64 18.77 -14.78
CA LYS A 128 -27.00 20.08 -15.34
C LYS A 128 -27.29 21.06 -14.21
N GLU A 129 -27.34 22.37 -14.52
CA GLU A 129 -27.46 23.40 -13.49
C GLU A 129 -28.72 23.28 -12.62
N ASP A 130 -29.80 22.77 -13.20
CA ASP A 130 -31.04 22.55 -12.46
C ASP A 130 -30.91 21.43 -11.44
N LEU A 131 -29.85 20.63 -11.58
CA LEU A 131 -29.51 19.55 -10.64
C LEU A 131 -30.59 18.47 -10.59
N ARG A 132 -31.25 18.24 -11.72
CA ARG A 132 -32.33 17.27 -11.82
C ARG A 132 -32.09 16.32 -12.98
N SER A 133 -31.18 16.70 -13.88
CA SER A 133 -30.90 15.92 -15.08
C SER A 133 -29.40 15.83 -15.44
N TRP A 134 -29.08 14.93 -16.36
CA TRP A 134 -27.70 14.67 -16.73
C TRP A 134 -27.41 14.88 -18.19
N THR A 135 -26.20 15.38 -18.45
CA THR A 135 -25.66 15.45 -19.81
C THR A 135 -24.65 14.32 -20.03
N ALA A 136 -25.04 13.37 -20.87
CA ALA A 136 -24.15 12.33 -21.35
C ALA A 136 -23.40 12.84 -22.58
N ALA A 137 -22.13 12.48 -22.71
CA ALA A 137 -21.32 12.98 -23.83
C ALA A 137 -21.44 12.10 -25.07
N ASP A 138 -21.69 10.80 -24.85
CA ASP A 138 -21.61 9.79 -25.90
C ASP A 138 -22.43 8.56 -25.55
N MET A 139 -22.55 7.65 -26.51
CA MET A 139 -23.31 6.40 -26.32
C MET A 139 -22.95 5.64 -25.05
N ALA A 140 -21.65 5.66 -24.69
CA ALA A 140 -21.18 4.99 -23.48
C ALA A 140 -21.74 5.58 -22.18
N ALA A 141 -21.95 6.89 -22.20
CA ALA A 141 -22.42 7.62 -21.04
C ALA A 141 -23.94 7.63 -20.97
N GLN A 142 -24.59 7.28 -22.08
CA GLN A 142 -26.03 7.10 -22.13
C GLN A 142 -26.39 5.94 -21.20
N ILE A 143 -25.58 4.88 -21.26
CA ILE A 143 -25.74 3.71 -20.40
C ILE A 143 -25.67 4.13 -18.93
N THR A 144 -24.62 4.86 -18.55
CA THR A 144 -24.46 5.37 -17.19
C THR A 144 -25.64 6.27 -16.78
N LYS A 145 -26.02 7.18 -17.67
CA LYS A 145 -27.11 8.12 -17.40
C LYS A 145 -28.46 7.44 -17.15
N ARG A 146 -28.73 6.36 -17.88
CA ARG A 146 -29.93 5.55 -17.64
C ARG A 146 -29.93 4.92 -16.25
N LYS A 147 -28.79 4.34 -15.86
CA LYS A 147 -28.62 3.85 -14.51
C LYS A 147 -28.95 4.93 -13.48
N TRP A 148 -28.34 6.10 -13.64
CA TRP A 148 -28.44 7.18 -12.66
C TRP A 148 -29.81 7.76 -12.54
N GLU A 149 -30.55 7.80 -13.64
CA GLU A 149 -31.95 8.24 -13.62
C GLU A 149 -32.80 7.24 -12.83
N ALA A 150 -32.73 5.97 -13.22
CA ALA A 150 -33.42 4.90 -12.53
C ALA A 150 -33.17 4.90 -11.03
N ALA A 151 -31.96 5.26 -10.61
CA ALA A 151 -31.59 5.17 -9.20
C ALA A 151 -31.81 6.48 -8.46
N HIS A 152 -32.01 7.57 -9.21
CA HIS A 152 -32.30 8.88 -8.64
C HIS A 152 -31.13 9.50 -7.92
N VAL A 153 -29.94 9.24 -8.47
CA VAL A 153 -28.71 9.91 -8.06
C VAL A 153 -28.85 11.44 -8.04
N ALA A 154 -29.48 12.02 -9.06
CA ALA A 154 -29.68 13.49 -9.10
C ALA A 154 -30.40 14.03 -7.86
N GLU A 155 -31.46 13.35 -7.42
CA GLU A 155 -32.20 13.77 -6.23
C GLU A 155 -31.34 13.71 -4.98
N GLN A 156 -30.56 12.64 -4.83
CA GLN A 156 -29.61 12.57 -3.72
C GLN A 156 -28.57 13.71 -3.81
N GLN A 157 -28.01 13.94 -5.00
CA GLN A 157 -26.94 14.93 -5.15
C GLN A 157 -27.40 16.38 -4.90
N ARG A 158 -28.58 16.70 -5.43
CA ARG A 158 -29.17 18.01 -5.25
C ARG A 158 -29.41 18.31 -3.77
N ALA A 159 -29.87 17.30 -3.05
CA ALA A 159 -30.15 17.44 -1.62
C ALA A 159 -28.86 17.68 -0.83
N TYR A 160 -27.81 16.93 -1.16
CA TYR A 160 -26.46 17.14 -0.62
C TYR A 160 -25.90 18.51 -1.01
N LEU A 161 -26.00 18.84 -2.30
CA LEU A 161 -25.48 20.09 -2.85
C LEU A 161 -26.13 21.34 -2.24
N GLU A 162 -27.45 21.34 -2.11
CA GLU A 162 -28.20 22.47 -1.53
C GLU A 162 -28.22 22.52 0.01
N GLY A 163 -27.83 21.43 0.66
CA GLY A 163 -27.81 21.33 2.11
C GLY A 163 -26.42 21.10 2.69
N THR A 164 -26.04 19.85 2.84
CA THR A 164 -24.75 19.46 3.45
C THR A 164 -23.51 20.16 2.87
N CYS A 165 -23.54 20.51 1.58
CA CYS A 165 -22.40 21.22 1.00
C CYS A 165 -22.34 22.69 1.41
N VAL A 166 -23.46 23.41 1.26
CA VAL A 166 -23.49 24.84 1.58
C VAL A 166 -23.29 25.07 3.07
N ASP A 167 -23.86 24.18 3.88
CA ASP A 167 -23.63 24.17 5.32
C ASP A 167 -22.17 23.91 5.62
N GLY A 168 -21.58 22.94 4.90
CA GLY A 168 -20.17 22.61 5.10
C GLY A 168 -19.28 23.78 4.77
N LEU A 169 -19.69 24.53 3.74
CA LEU A 169 -18.91 25.66 3.23
C LEU A 169 -18.90 26.82 4.25
N ARG A 170 -20.09 27.29 4.62
CA ARG A 170 -20.27 28.22 5.75
C ARG A 170 -19.37 27.84 6.93
N ARG A 171 -19.50 26.61 7.40
CA ARG A 171 -18.72 26.13 8.54
C ARG A 171 -17.22 26.33 8.32
N TYR A 172 -16.75 26.04 7.10
CA TYR A 172 -15.33 26.14 6.78
C TYR A 172 -14.83 27.58 6.76
N LEU A 173 -15.64 28.48 6.20
CA LEU A 173 -15.33 29.92 6.13
C LEU A 173 -15.15 30.59 7.50
N GLU A 174 -15.71 29.97 8.53
CA GLU A 174 -15.57 30.44 9.91
C GLU A 174 -14.26 29.94 10.50
N ASN A 175 -14.12 28.62 10.59
CA ASN A 175 -12.94 27.99 11.19
C ASN A 175 -11.61 28.54 10.65
N GLY A 176 -11.58 28.93 9.38
CA GLY A 176 -10.43 29.61 8.80
C GLY A 176 -10.76 31.00 8.28
N LYS A 177 -11.61 31.72 9.00
CA LYS A 177 -12.05 33.08 8.65
C LYS A 177 -10.91 34.01 8.24
N GLU A 178 -9.76 33.79 8.87
CA GLU A 178 -8.61 34.69 8.78
C GLU A 178 -7.76 34.36 7.54
N THR A 179 -7.73 33.09 7.17
CA THR A 179 -7.11 32.66 5.93
C THR A 179 -8.06 32.93 4.75
N LEU A 180 -9.35 32.68 4.94
CA LEU A 180 -10.28 32.56 3.81
C LEU A 180 -11.04 33.82 3.39
N GLN A 181 -11.43 34.66 4.35
CA GLN A 181 -12.12 35.90 3.99
C GLN A 181 -11.14 37.06 3.80
N ARG A 182 -9.85 36.75 3.77
CA ARG A 182 -8.79 37.74 3.53
C ARG A 182 -8.66 38.10 2.04
N THR A 183 -8.28 39.35 1.81
CA THR A 183 -7.96 39.85 0.48
C THR A 183 -6.58 40.50 0.55
N ASP A 184 -5.61 39.87 -0.13
CA ASP A 184 -4.26 40.42 -0.23
C ASP A 184 -4.09 41.09 -1.58
N PRO A 185 -3.94 42.43 -1.56
CA PRO A 185 -3.68 43.16 -2.81
C PRO A 185 -2.32 42.82 -3.40
N PRO A 186 -2.19 42.88 -4.74
CA PRO A 186 -0.93 42.72 -5.45
C PRO A 186 0.12 43.76 -5.04
N LYS A 187 1.33 43.30 -4.78
CA LYS A 187 2.47 44.18 -4.68
C LYS A 187 3.03 44.28 -6.09
N THR A 188 2.91 45.47 -6.68
CA THR A 188 3.22 45.66 -8.11
C THR A 188 4.49 46.46 -8.36
N HIS A 189 5.14 46.14 -9.47
CA HIS A 189 6.31 46.91 -9.90
C HIS A 189 6.66 46.64 -11.32
N MET A 190 7.63 47.39 -11.82
CA MET A 190 7.92 47.33 -13.23
C MET A 190 9.41 47.25 -13.49
N THR A 191 9.79 46.38 -14.41
CA THR A 191 11.17 46.26 -14.84
C THR A 191 11.30 46.50 -16.35
N HIS A 192 12.56 46.58 -16.78
CA HIS A 192 12.95 47.10 -18.08
C HIS A 192 14.14 46.31 -18.50
N HIS A 193 14.09 45.72 -19.70
CA HIS A 193 15.22 44.93 -20.20
C HIS A 193 15.52 45.29 -21.62
N PRO A 194 16.68 45.93 -21.86
CA PRO A 194 17.09 46.17 -23.23
C PRO A 194 17.25 44.84 -23.99
N ILE A 195 16.67 44.77 -25.19
CA ILE A 195 16.87 43.62 -26.07
C ILE A 195 17.98 43.97 -27.06
N SER A 196 17.69 44.89 -27.97
CA SER A 196 18.69 45.52 -28.82
C SER A 196 18.89 46.96 -28.35
N ASP A 197 19.86 47.67 -28.92
CA ASP A 197 19.96 49.11 -28.68
C ASP A 197 18.82 49.85 -29.42
N HIS A 198 17.87 49.07 -29.93
CA HIS A 198 16.73 49.59 -30.70
C HIS A 198 15.39 49.23 -30.08
N GLU A 199 15.35 48.16 -29.29
CA GLU A 199 14.12 47.72 -28.61
C GLU A 199 14.33 47.38 -27.13
N ALA A 200 13.23 47.34 -26.36
CA ALA A 200 13.29 46.93 -24.94
C ALA A 200 12.04 46.20 -24.44
N THR A 201 12.21 45.36 -23.42
CA THR A 201 11.11 44.66 -22.77
C THR A 201 10.69 45.42 -21.50
N LEU A 202 9.44 45.88 -21.46
CA LEU A 202 8.86 46.45 -20.25
C LEU A 202 7.99 45.40 -19.58
N ARG A 203 8.34 45.04 -18.34
CA ARG A 203 7.66 43.95 -17.66
C ARG A 203 6.98 44.42 -16.37
N CYS A 204 5.69 44.16 -16.30
CA CYS A 204 4.85 44.63 -15.20
C CYS A 204 4.43 43.46 -14.32
N TRP A 205 4.69 43.60 -13.02
CA TRP A 205 4.58 42.50 -12.09
C TRP A 205 3.46 42.63 -11.12
N ALA A 206 2.80 41.50 -10.84
CA ALA A 206 1.82 41.44 -9.75
C ALA A 206 2.22 40.28 -8.83
N LEU A 207 2.40 40.58 -7.54
CA LEU A 207 3.03 39.64 -6.62
C LEU A 207 2.35 39.54 -5.25
N GLY A 208 2.45 38.35 -4.64
CA GLY A 208 1.83 38.05 -3.36
C GLY A 208 0.35 38.38 -3.19
N PHE A 209 -0.45 38.24 -4.26
CA PHE A 209 -1.89 38.51 -4.16
C PHE A 209 -2.76 37.27 -3.89
N TYR A 210 -4.00 37.53 -3.44
CA TYR A 210 -5.02 36.50 -3.18
C TYR A 210 -6.39 37.18 -3.15
N PRO A 211 -7.42 36.58 -3.77
CA PRO A 211 -7.46 35.32 -4.51
C PRO A 211 -6.82 35.46 -5.89
N ALA A 212 -6.80 34.36 -6.65
CA ALA A 212 -5.97 34.24 -7.85
C ALA A 212 -6.41 35.08 -9.05
N GLU A 213 -7.70 35.40 -9.13
CA GLU A 213 -8.24 36.22 -10.21
C GLU A 213 -7.63 37.64 -10.23
N ILE A 214 -7.12 38.04 -11.40
CA ILE A 214 -6.45 39.33 -11.60
C ILE A 214 -6.46 39.72 -13.08
N THR A 215 -6.33 41.02 -13.36
CA THR A 215 -6.30 41.48 -14.75
C THR A 215 -5.14 42.46 -14.97
N LEU A 216 -4.28 42.12 -15.92
CA LEU A 216 -3.16 42.97 -16.27
C LEU A 216 -3.29 43.41 -17.72
N THR A 217 -3.29 44.72 -17.93
CA THR A 217 -3.39 45.27 -19.29
C THR A 217 -2.27 46.27 -19.57
N TRP A 218 -1.83 46.30 -20.82
CA TRP A 218 -0.99 47.37 -21.33
C TRP A 218 -1.77 48.38 -22.13
N GLN A 219 -1.29 49.62 -22.16
CA GLN A 219 -1.93 50.73 -22.87
C GLN A 219 -0.90 51.69 -23.47
N ARG A 220 -1.06 52.01 -24.75
CA ARG A 220 -0.24 53.04 -25.40
C ARG A 220 -1.10 54.29 -25.54
N ASP A 221 -0.62 55.39 -24.95
CA ASP A 221 -1.37 56.66 -24.84
C ASP A 221 -2.83 56.44 -24.41
N GLY A 222 -3.02 55.91 -23.20
CA GLY A 222 -4.36 55.66 -22.65
C GLY A 222 -5.28 54.81 -23.50
N GLU A 223 -4.73 54.28 -24.59
CA GLU A 223 -5.47 53.45 -25.53
C GLU A 223 -4.91 52.03 -25.47
N ASP A 224 -5.80 51.04 -25.46
CA ASP A 224 -5.42 49.61 -25.37
C ASP A 224 -4.39 49.14 -26.39
N GLN A 225 -3.62 48.13 -26.02
CA GLN A 225 -2.69 47.48 -26.94
C GLN A 225 -2.53 46.00 -26.66
N THR A 226 -2.54 45.21 -27.74
CA THR A 226 -2.40 43.76 -27.68
C THR A 226 -1.16 43.29 -28.47
N GLN A 227 -0.75 44.10 -29.45
CA GLN A 227 0.41 43.78 -30.27
C GLN A 227 1.71 43.71 -29.46
N ASP A 228 2.45 42.63 -29.66
CA ASP A 228 3.77 42.41 -29.03
C ASP A 228 3.75 42.28 -27.50
N THR A 229 2.60 41.87 -26.94
CA THR A 229 2.46 41.64 -25.51
C THR A 229 2.47 40.16 -25.14
N GLU A 230 3.16 39.84 -24.04
CA GLU A 230 3.19 38.49 -23.50
C GLU A 230 2.66 38.49 -22.08
N LEU A 231 1.77 37.53 -21.81
CA LEU A 231 1.07 37.46 -20.55
C LEU A 231 1.19 36.04 -20.02
N VAL A 232 2.06 35.82 -19.02
CA VAL A 232 2.19 34.48 -18.48
C VAL A 232 0.99 34.10 -17.61
N GLU A 233 0.92 32.81 -17.36
CA GLU A 233 -0.16 32.23 -16.61
C GLU A 233 0.04 32.49 -15.12
N THR A 234 -1.04 32.93 -14.48
CA THR A 234 -1.08 33.14 -13.05
C THR A 234 -0.56 31.90 -12.30
N ARG A 235 0.32 32.11 -11.32
CA ARG A 235 1.07 31.03 -10.70
C ARG A 235 1.11 31.05 -9.16
N PRO A 236 1.14 29.86 -8.53
CA PRO A 236 1.25 29.83 -7.08
C PRO A 236 2.63 30.27 -6.60
N ALA A 237 2.65 31.06 -5.53
CA ALA A 237 3.93 31.45 -4.92
C ALA A 237 4.44 30.37 -3.95
N GLY A 238 3.52 29.59 -3.37
CA GLY A 238 3.86 28.54 -2.41
C GLY A 238 3.44 28.88 -0.99
N ASP A 239 2.78 30.02 -0.81
CA ASP A 239 2.46 30.52 0.53
C ASP A 239 0.99 30.90 0.63
N GLY A 240 0.21 30.46 -0.35
CA GLY A 240 -1.21 30.77 -0.42
C GLY A 240 -1.48 31.99 -1.28
N THR A 241 -0.43 32.51 -1.92
CA THR A 241 -0.57 33.66 -2.81
C THR A 241 -0.11 33.36 -4.22
N PHE A 242 -0.47 34.26 -5.15
CA PHE A 242 -0.20 34.07 -6.56
C PHE A 242 0.63 35.21 -7.15
N GLN A 243 1.18 34.95 -8.33
CA GLN A 243 1.94 35.92 -9.06
C GLN A 243 1.49 35.89 -10.52
N LYS A 244 1.71 37.00 -11.22
CA LYS A 244 1.47 37.07 -12.66
C LYS A 244 2.31 38.21 -13.20
N TRP A 245 2.67 38.17 -14.47
CA TRP A 245 3.28 39.33 -15.09
C TRP A 245 2.90 39.52 -16.52
N ALA A 246 2.99 40.77 -16.99
CA ALA A 246 2.73 41.11 -18.39
C ALA A 246 3.86 41.95 -18.97
N ALA A 247 4.28 41.61 -20.17
CA ALA A 247 5.36 42.33 -20.81
C ALA A 247 4.91 42.91 -22.15
N VAL A 248 5.65 43.93 -22.62
CA VAL A 248 5.52 44.49 -23.97
C VAL A 248 6.90 44.78 -24.55
N VAL A 249 7.08 44.50 -25.84
CA VAL A 249 8.28 44.96 -26.53
C VAL A 249 8.06 46.40 -27.00
N VAL A 250 9.05 47.24 -26.73
CA VAL A 250 8.90 48.68 -26.89
C VAL A 250 10.15 49.24 -27.58
N PRO A 251 9.95 50.07 -28.63
CA PRO A 251 11.12 50.65 -29.28
C PRO A 251 11.75 51.72 -28.39
N SER A 252 13.09 51.77 -28.35
CA SER A 252 13.81 52.65 -27.43
C SER A 252 13.34 54.10 -27.50
N GLY A 253 13.27 54.75 -26.34
CA GLY A 253 12.78 56.13 -26.24
C GLY A 253 11.27 56.25 -26.04
N GLU A 254 10.53 55.18 -26.34
CA GLU A 254 9.07 55.17 -26.26
C GLU A 254 8.52 54.78 -24.88
N GLU A 255 9.38 54.28 -23.99
CA GLU A 255 8.95 53.65 -22.74
C GLU A 255 7.84 54.34 -21.97
N GLN A 256 7.84 55.68 -22.01
CA GLN A 256 6.91 56.45 -21.20
C GLN A 256 5.53 56.71 -21.82
N ARG A 257 5.32 56.21 -23.04
CA ARG A 257 4.00 56.27 -23.66
C ARG A 257 3.09 55.13 -23.15
N TYR A 258 3.69 54.17 -22.44
CA TYR A 258 3.01 52.93 -22.05
C TYR A 258 2.65 52.87 -20.58
N THR A 259 1.45 52.37 -20.30
CA THR A 259 1.02 52.22 -18.93
C THR A 259 0.57 50.79 -18.63
N CYS A 260 0.75 50.36 -17.40
CA CYS A 260 0.30 49.05 -17.00
C CYS A 260 -0.92 49.20 -16.09
N HIS A 261 -1.90 48.34 -16.28
CA HIS A 261 -3.15 48.44 -15.51
C HIS A 261 -3.46 47.17 -14.77
N VAL A 262 -3.90 47.33 -13.53
CA VAL A 262 -3.91 46.22 -12.58
C VAL A 262 -5.21 46.23 -11.77
N GLN A 263 -5.97 45.16 -11.86
CA GLN A 263 -7.27 45.09 -11.19
C GLN A 263 -7.34 43.82 -10.37
N HIS A 264 -7.77 43.98 -9.12
CA HIS A 264 -7.89 42.87 -8.17
C HIS A 264 -8.86 43.26 -7.09
N GLU A 265 -9.58 42.28 -6.57
CA GLU A 265 -10.56 42.50 -5.49
C GLU A 265 -9.93 43.22 -4.28
N GLY A 266 -8.64 42.98 -4.04
CA GLY A 266 -7.90 43.58 -2.93
C GLY A 266 -7.50 45.04 -3.09
N LEU A 267 -7.68 45.59 -4.29
CA LEU A 267 -7.35 46.99 -4.54
C LEU A 267 -8.60 47.83 -4.40
N PRO A 268 -8.59 48.80 -3.47
CA PRO A 268 -9.69 49.76 -3.33
C PRO A 268 -9.86 50.53 -4.64
N LYS A 269 -8.74 50.78 -5.32
CA LYS A 269 -8.78 51.42 -6.62
C LYS A 269 -7.74 50.74 -7.53
N PRO A 270 -8.02 50.67 -8.84
CA PRO A 270 -7.07 50.10 -9.79
C PRO A 270 -5.71 50.81 -9.78
N LEU A 271 -4.67 50.10 -10.23
CA LEU A 271 -3.34 50.68 -10.27
C LEU A 271 -2.93 50.98 -11.71
N THR A 272 -2.16 52.05 -11.86
CA THR A 272 -1.58 52.41 -13.13
C THR A 272 -0.08 52.63 -12.97
N LEU A 273 0.69 51.86 -13.74
CA LEU A 273 2.15 51.93 -13.68
C LEU A 273 2.77 52.47 -14.96
N ARG A 274 3.78 53.31 -14.79
CA ARG A 274 4.44 53.97 -15.90
C ARG A 274 5.93 53.90 -15.65
N TRP A 275 6.72 53.66 -16.70
CA TRP A 275 8.18 53.62 -16.56
C TRP A 275 8.76 54.99 -16.25
N MET B 1 -8.08 10.02 -26.90
CA MET B 1 -7.62 10.91 -25.80
C MET B 1 -6.47 11.80 -26.25
N ILE B 2 -6.75 13.09 -26.47
CA ILE B 2 -5.68 14.03 -26.78
C ILE B 2 -4.73 14.13 -25.58
N GLN B 3 -3.48 14.47 -25.86
CA GLN B 3 -2.49 14.63 -24.83
C GLN B 3 -1.96 16.05 -24.92
N ARG B 4 -1.79 16.68 -23.76
CA ARG B 4 -1.39 18.07 -23.70
C ARG B 4 -0.04 18.13 -23.04
N THR B 5 0.92 18.77 -23.71
CA THR B 5 2.24 18.98 -23.15
C THR B 5 2.14 20.04 -22.06
N PRO B 6 2.97 19.93 -21.01
CA PRO B 6 2.88 20.91 -19.92
C PRO B 6 3.43 22.27 -20.31
N LYS B 7 2.92 23.32 -19.66
CA LYS B 7 3.56 24.60 -19.69
C LYS B 7 4.35 24.69 -18.40
N ILE B 8 5.52 25.30 -18.48
CA ILE B 8 6.49 25.26 -17.39
C ILE B 8 6.94 26.65 -16.99
N GLN B 9 6.94 26.93 -15.69
CA GLN B 9 7.55 28.16 -15.20
C GLN B 9 8.46 27.88 -14.01
N VAL B 10 9.69 28.38 -14.10
CA VAL B 10 10.64 28.32 -13.00
C VAL B 10 10.89 29.76 -12.52
N TYR B 11 10.91 29.94 -11.21
CA TYR B 11 10.83 31.24 -10.58
C TYR B 11 10.86 31.08 -9.07
N SER B 12 11.15 32.18 -8.35
CA SER B 12 11.28 32.18 -6.90
C SER B 12 10.06 32.79 -6.20
N ARG B 13 9.78 32.30 -4.98
CA ARG B 13 8.67 32.79 -4.18
C ARG B 13 8.76 34.31 -3.89
N HIS B 14 9.98 34.78 -3.64
CA HIS B 14 10.26 36.21 -3.45
C HIS B 14 11.34 36.64 -4.37
N PRO B 15 11.31 37.93 -4.79
CA PRO B 15 12.41 38.48 -5.60
C PRO B 15 13.75 38.10 -5.00
N ALA B 16 14.65 37.59 -5.83
CA ALA B 16 15.96 37.13 -5.38
C ALA B 16 16.78 38.22 -4.68
N GLU B 17 17.43 37.84 -3.58
CA GLU B 17 18.41 38.67 -2.92
C GLU B 17 19.56 37.76 -2.52
N ASN B 18 20.63 37.81 -3.30
CA ASN B 18 21.82 36.96 -3.10
C ASN B 18 22.19 36.84 -1.65
N GLY B 19 22.35 35.60 -1.19
CA GLY B 19 22.63 35.30 0.22
C GLY B 19 21.43 35.37 1.16
N LYS B 20 20.22 35.32 0.62
CA LYS B 20 19.04 35.30 1.48
C LYS B 20 18.12 34.10 1.21
N SER B 21 17.40 33.68 2.26
CA SER B 21 16.58 32.47 2.22
C SER B 21 15.35 32.66 1.35
N ASN B 22 15.21 31.75 0.37
CA ASN B 22 14.14 31.82 -0.59
C ASN B 22 13.63 30.41 -0.89
N PHE B 23 12.58 30.33 -1.70
CA PHE B 23 12.08 29.07 -2.23
C PHE B 23 12.13 29.10 -3.76
N LEU B 24 12.72 28.06 -4.36
CA LEU B 24 12.72 27.93 -5.81
C LEU B 24 11.46 27.17 -6.25
N ASN B 25 10.79 27.69 -7.26
CA ASN B 25 9.54 27.09 -7.73
C ASN B 25 9.63 26.65 -9.19
N CYS B 26 8.99 25.52 -9.47
CA CYS B 26 8.71 25.10 -10.84
C CYS B 26 7.24 24.67 -10.90
N TYR B 27 6.48 25.33 -11.76
CA TYR B 27 5.05 25.13 -11.85
C TYR B 27 4.73 24.53 -13.21
N VAL B 28 4.03 23.40 -13.20
CA VAL B 28 3.71 22.70 -14.43
C VAL B 28 2.19 22.62 -14.54
N SER B 29 1.66 23.07 -15.67
CA SER B 29 0.24 23.22 -15.81
C SER B 29 -0.15 22.91 -17.23
N GLY B 30 -1.46 22.77 -17.44
CA GLY B 30 -2.06 22.53 -18.75
C GLY B 30 -1.70 21.19 -19.38
N PHE B 31 -1.41 20.18 -18.58
CA PHE B 31 -0.88 18.94 -19.14
C PHE B 31 -1.80 17.72 -18.97
N HIS B 32 -1.55 16.70 -19.75
CA HIS B 32 -2.39 15.51 -19.74
C HIS B 32 -1.80 14.47 -20.64
N PRO B 33 -1.67 13.22 -20.13
CA PRO B 33 -2.13 12.76 -18.81
C PRO B 33 -1.24 13.18 -17.63
N SER B 34 -1.60 12.74 -16.42
CA SER B 34 -1.03 13.26 -15.18
C SER B 34 0.41 12.89 -14.88
N ASP B 35 0.87 11.71 -15.32
CA ASP B 35 2.27 11.31 -15.07
C ASP B 35 3.25 12.30 -15.67
N ILE B 36 4.07 12.87 -14.80
CA ILE B 36 5.07 13.85 -15.17
C ILE B 36 6.29 13.60 -14.28
N GLU B 37 7.49 13.94 -14.78
CA GLU B 37 8.68 14.02 -13.93
C GLU B 37 9.20 15.44 -13.93
N VAL B 38 9.46 15.97 -12.73
CA VAL B 38 10.02 17.31 -12.60
C VAL B 38 11.22 17.34 -11.65
N ASP B 39 12.37 17.76 -12.16
CA ASP B 39 13.52 18.01 -11.31
C ASP B 39 13.99 19.45 -11.33
N LEU B 40 14.41 19.92 -10.17
CA LEU B 40 15.14 21.19 -10.05
C LEU B 40 16.64 20.91 -10.01
N LEU B 41 17.42 21.81 -10.58
CA LEU B 41 18.86 21.63 -10.68
C LEU B 41 19.63 22.81 -10.10
N LYS B 42 20.74 22.50 -9.45
CA LYS B 42 21.71 23.52 -9.05
C LYS B 42 23.01 23.22 -9.75
N ASN B 43 23.49 24.19 -10.53
CA ASN B 43 24.63 24.01 -11.43
C ASN B 43 24.62 22.64 -12.13
N GLY B 44 23.47 22.30 -12.71
CA GLY B 44 23.33 21.12 -13.56
C GLY B 44 23.05 19.79 -12.85
N GLU B 45 23.17 19.77 -11.53
CA GLU B 45 22.99 18.53 -10.76
C GLU B 45 21.65 18.50 -10.03
N ARG B 46 20.91 17.42 -10.21
CA ARG B 46 19.59 17.25 -9.58
C ARG B 46 19.59 17.61 -8.10
N ILE B 47 18.59 18.36 -7.67
CA ILE B 47 18.43 18.76 -6.27
C ILE B 47 17.50 17.76 -5.59
N GLU B 48 17.86 17.34 -4.38
CA GLU B 48 17.23 16.17 -3.74
C GLU B 48 16.08 16.44 -2.78
N LYS B 49 16.11 17.58 -2.09
CA LYS B 49 15.10 17.85 -1.07
C LYS B 49 13.86 18.53 -1.66
N VAL B 50 13.45 18.07 -2.85
CA VAL B 50 12.36 18.71 -3.60
C VAL B 50 10.97 18.15 -3.26
N GLU B 51 10.06 19.04 -2.89
CA GLU B 51 8.68 18.63 -2.61
C GLU B 51 7.70 19.17 -3.64
N HIS B 52 6.49 18.62 -3.62
CA HIS B 52 5.46 18.99 -4.60
C HIS B 52 4.09 18.98 -3.99
N SER B 53 3.17 19.75 -4.60
CA SER B 53 1.80 19.88 -4.11
C SER B 53 0.96 18.66 -4.52
N ASP B 54 -0.29 18.60 -4.07
CA ASP B 54 -1.14 17.45 -4.37
C ASP B 54 -1.74 17.59 -5.76
N LEU B 55 -1.78 16.50 -6.53
CA LEU B 55 -2.29 16.55 -7.89
C LEU B 55 -3.70 17.13 -7.96
N SER B 56 -3.86 18.22 -8.71
CA SER B 56 -5.18 18.80 -8.99
C SER B 56 -5.35 19.15 -10.47
N PHE B 57 -6.48 19.74 -10.84
CA PHE B 57 -6.71 20.10 -12.24
C PHE B 57 -7.68 21.27 -12.45
N SER B 58 -7.60 21.86 -13.65
CA SER B 58 -8.38 23.05 -14.02
C SER B 58 -9.70 22.73 -14.73
N LYS B 59 -10.45 23.79 -15.04
CA LYS B 59 -11.71 23.69 -15.79
C LYS B 59 -11.67 22.78 -17.00
N ASP B 60 -10.57 22.78 -17.73
CA ASP B 60 -10.48 21.97 -18.94
C ASP B 60 -9.89 20.58 -18.68
N TRP B 61 -9.87 20.18 -17.41
CA TRP B 61 -9.42 18.85 -16.97
C TRP B 61 -7.95 18.68 -17.01
N SER B 62 -7.21 19.74 -17.37
CA SER B 62 -5.76 19.64 -17.50
C SER B 62 -5.10 19.72 -16.12
N PHE B 63 -3.98 19.05 -15.96
CA PHE B 63 -3.36 18.94 -14.64
C PHE B 63 -2.35 20.05 -14.34
N TYR B 64 -2.15 20.33 -13.06
CA TYR B 64 -1.08 21.24 -12.63
C TYR B 64 -0.48 20.83 -11.30
N LEU B 65 0.83 21.08 -11.14
CA LEU B 65 1.57 20.83 -9.90
C LEU B 65 2.67 21.86 -9.63
N LEU B 66 2.83 22.21 -8.36
CA LEU B 66 3.95 23.02 -7.91
C LEU B 66 5.09 22.15 -7.39
N TYR B 67 6.30 22.37 -7.92
CA TYR B 67 7.49 21.78 -7.31
C TYR B 67 8.35 22.88 -6.71
N TYR B 68 8.78 22.65 -5.48
CA TYR B 68 9.43 23.69 -4.71
C TYR B 68 10.46 23.14 -3.75
N THR B 69 11.51 23.92 -3.55
CA THR B 69 12.63 23.53 -2.72
C THR B 69 13.18 24.80 -2.11
N GLU B 70 13.61 24.72 -0.87
CA GLU B 70 14.18 25.87 -0.21
C GLU B 70 15.61 26.03 -0.71
N PHE B 71 16.00 27.26 -1.01
CA PHE B 71 17.36 27.52 -1.52
C PHE B 71 17.89 28.89 -1.13
N THR B 72 19.18 29.08 -1.35
CA THR B 72 19.78 30.41 -1.23
C THR B 72 20.50 30.83 -2.52
N PRO B 73 19.95 31.85 -3.20
CA PRO B 73 20.51 32.37 -4.44
C PRO B 73 21.79 33.17 -4.22
N THR B 74 22.69 33.12 -5.20
CA THR B 74 23.93 33.88 -5.15
C THR B 74 24.16 34.55 -6.50
N GLU B 75 25.27 35.27 -6.66
CA GLU B 75 25.58 35.84 -7.96
C GLU B 75 25.99 34.70 -8.88
N LYS B 76 26.81 33.80 -8.35
CA LYS B 76 27.43 32.73 -9.12
C LYS B 76 26.50 31.59 -9.55
N ASP B 77 25.54 31.24 -8.68
CA ASP B 77 24.79 29.98 -8.85
C ASP B 77 23.77 29.92 -9.98
N GLU B 78 23.77 28.78 -10.67
CA GLU B 78 22.83 28.51 -11.75
C GLU B 78 21.75 27.52 -11.28
N TYR B 79 20.51 27.79 -11.67
CA TYR B 79 19.38 26.93 -11.32
C TYR B 79 18.51 26.67 -12.55
N ALA B 80 17.81 25.53 -12.54
CA ALA B 80 16.95 25.15 -13.67
C ALA B 80 15.87 24.13 -13.26
N CYS B 81 14.82 24.03 -14.06
CA CYS B 81 13.82 22.98 -13.92
C CYS B 81 14.05 22.01 -15.07
N ARG B 82 13.78 20.73 -14.85
CA ARG B 82 13.87 19.73 -15.92
C ARG B 82 12.62 18.87 -15.90
N VAL B 83 11.87 18.88 -17.00
CA VAL B 83 10.54 18.26 -17.03
C VAL B 83 10.46 17.23 -18.13
N ASN B 84 10.01 16.03 -17.78
CA ASN B 84 9.70 15.03 -18.79
C ASN B 84 8.26 14.56 -18.60
N HIS B 85 7.72 14.01 -19.68
CA HIS B 85 6.30 13.77 -19.85
C HIS B 85 6.17 13.09 -21.19
N VAL B 86 5.15 12.26 -21.30
CA VAL B 86 4.87 11.49 -22.52
C VAL B 86 4.91 12.32 -23.80
N THR B 87 4.42 13.55 -23.73
CA THR B 87 4.30 14.42 -24.91
C THR B 87 5.62 15.01 -25.35
N LEU B 88 6.64 14.88 -24.49
CA LEU B 88 7.96 15.44 -24.72
C LEU B 88 8.91 14.37 -25.23
N SER B 89 9.53 14.65 -26.37
CA SER B 89 10.48 13.72 -27.02
C SER B 89 11.69 13.43 -26.13
N GLN B 90 12.33 14.48 -25.63
CA GLN B 90 13.36 14.35 -24.60
C GLN B 90 13.09 15.36 -23.48
N PRO B 91 13.68 15.15 -22.28
CA PRO B 91 13.41 16.09 -21.18
C PRO B 91 13.57 17.54 -21.62
N LYS B 92 12.68 18.42 -21.15
CA LYS B 92 12.85 19.85 -21.40
C LYS B 92 13.51 20.50 -20.21
N ILE B 93 14.49 21.37 -20.49
CA ILE B 93 15.18 22.12 -19.44
C ILE B 93 14.85 23.60 -19.56
N VAL B 94 14.51 24.21 -18.44
CA VAL B 94 14.11 25.61 -18.41
C VAL B 94 14.93 26.33 -17.34
N LYS B 95 15.79 27.22 -17.80
CA LYS B 95 16.73 27.93 -16.95
C LYS B 95 15.97 28.93 -16.12
N TRP B 96 16.44 29.14 -14.89
CA TRP B 96 15.84 30.11 -14.00
C TRP B 96 16.34 31.49 -14.31
N ASP B 97 15.43 32.42 -14.52
CA ASP B 97 15.78 33.81 -14.72
C ASP B 97 15.15 34.61 -13.61
N ARG B 98 15.98 35.33 -12.83
CA ARG B 98 15.47 36.12 -11.70
C ARG B 98 14.42 37.14 -12.17
N ASP B 99 14.20 37.19 -13.49
CA ASP B 99 13.19 38.07 -14.05
C ASP B 99 12.28 37.46 -15.13
N MET B 100 12.58 36.23 -15.57
CA MET B 100 11.80 35.41 -16.55
C MET B 100 12.18 35.61 -18.04
N ARG C 1 -16.62 18.34 3.38
CA ARG C 1 -17.81 17.46 3.18
C ARG C 1 -17.74 16.73 1.83
N TYR C 2 -16.99 15.63 1.80
CA TYR C 2 -16.84 14.80 0.61
C TYR C 2 -18.17 14.22 0.16
N PRO C 3 -18.43 14.21 -1.17
CA PRO C 3 -19.74 13.76 -1.64
C PRO C 3 -20.06 12.29 -1.30
N LEU C 4 -21.34 12.00 -1.20
CA LEU C 4 -21.87 10.63 -1.09
C LEU C 4 -21.88 9.96 -2.49
N THR C 5 -20.99 8.98 -2.68
CA THR C 5 -20.65 8.45 -4.03
C THR C 5 -21.11 7.01 -4.28
N LEU C 6 -21.75 6.41 -3.28
CA LEU C 6 -22.31 5.06 -3.37
C LEU C 6 -23.00 4.76 -4.71
N GLY C 7 -23.86 5.66 -5.18
CA GLY C 7 -24.61 5.43 -6.44
C GLY C 7 -23.91 5.80 -7.75
N TRP C 8 -22.67 6.25 -7.65
CA TRP C 8 -21.93 6.74 -8.83
C TRP C 8 -21.33 5.66 -9.71
N CYS C 9 -21.97 4.49 -9.77
CA CYS C 9 -21.45 3.38 -10.57
C CYS C 9 -21.83 3.54 -12.05
N PHE C 10 -20.84 3.37 -12.93
CA PHE C 10 -21.04 3.59 -14.35
C PHE C 10 -21.91 2.54 -15.02
N GLY D 2 -7.96 -9.49 18.63
CA GLY D 2 -8.81 -9.83 17.46
C GLY D 2 -9.14 -11.30 17.57
N SER D 3 -9.16 -11.99 16.44
CA SER D 3 -9.42 -13.42 16.43
C SER D 3 -8.21 -14.30 16.71
N HIS D 4 -8.49 -15.51 17.17
CA HIS D 4 -7.48 -16.51 17.46
C HIS D 4 -7.89 -17.82 16.88
N SER D 5 -6.90 -18.70 16.65
CA SER D 5 -7.14 -19.99 16.04
C SER D 5 -6.48 -21.09 16.85
N MET D 6 -7.02 -22.30 16.75
CA MET D 6 -6.34 -23.46 17.29
C MET D 6 -6.28 -24.53 16.23
N ARG D 7 -5.12 -25.16 16.10
CA ARG D 7 -4.93 -26.13 15.04
C ARG D 7 -4.14 -27.30 15.58
N TYR D 8 -4.51 -28.49 15.11
CA TYR D 8 -3.66 -29.65 15.24
C TYR D 8 -3.27 -30.11 13.85
N PHE D 9 -1.97 -30.31 13.65
CA PHE D 9 -1.46 -30.83 12.39
C PHE D 9 -0.78 -32.16 12.66
N SER D 10 -1.20 -33.21 11.97
CA SER D 10 -0.52 -34.48 12.11
C SER D 10 0.00 -34.95 10.75
N THR D 11 1.00 -35.83 10.76
CA THR D 11 1.66 -36.34 9.57
C THR D 11 2.09 -37.78 9.82
N SER D 12 1.64 -38.69 8.95
CA SER D 12 2.02 -40.11 9.01
C SER D 12 2.70 -40.50 7.73
N VAL D 13 3.86 -41.15 7.85
CA VAL D 13 4.62 -41.51 6.68
C VAL D 13 4.97 -42.99 6.77
N SER D 14 4.53 -43.75 5.78
CA SER D 14 4.79 -45.18 5.79
C SER D 14 6.27 -45.39 5.52
N ARG D 15 6.82 -46.48 6.06
CA ARG D 15 8.23 -46.79 5.90
C ARG D 15 8.34 -48.25 5.44
N PRO D 16 7.91 -48.52 4.20
CA PRO D 16 7.80 -49.91 3.78
C PRO D 16 9.16 -50.63 3.79
N GLY D 17 9.21 -51.77 4.48
CA GLY D 17 10.46 -52.49 4.71
C GLY D 17 11.17 -52.12 6.01
N ARG D 18 10.68 -51.08 6.68
CA ARG D 18 11.36 -50.47 7.83
C ARG D 18 10.46 -50.39 9.06
N GLY D 19 9.47 -51.30 9.13
CA GLY D 19 8.50 -51.28 10.21
C GLY D 19 7.32 -50.37 9.97
N GLU D 20 6.78 -49.82 11.05
CA GLU D 20 5.49 -49.14 11.01
C GLU D 20 5.62 -47.64 10.71
N PRO D 21 4.55 -47.04 10.15
CA PRO D 21 4.65 -45.63 9.75
C PRO D 21 4.99 -44.72 10.92
N ARG D 22 5.80 -43.72 10.66
CA ARG D 22 6.10 -42.70 11.65
C ARG D 22 4.94 -41.70 11.74
N PHE D 23 4.56 -41.35 12.98
CA PHE D 23 3.46 -40.42 13.22
C PHE D 23 3.92 -39.23 14.06
N ILE D 24 3.62 -38.02 13.58
CA ILE D 24 3.94 -36.79 14.31
C ILE D 24 2.75 -35.84 14.28
N ALA D 25 2.33 -35.39 15.44
CA ALA D 25 1.30 -34.37 15.52
C ALA D 25 1.89 -33.21 16.30
N VAL D 26 1.43 -32.00 15.99
CA VAL D 26 1.77 -30.82 16.75
C VAL D 26 0.48 -30.02 16.94
N GLY D 27 0.44 -29.21 18.00
CA GLY D 27 -0.70 -28.34 18.26
C GLY D 27 -0.31 -26.88 18.31
N TYR D 28 -1.17 -26.03 17.77
CA TYR D 28 -0.87 -24.60 17.70
C TYR D 28 -2.00 -23.74 18.23
N VAL D 29 -1.64 -22.60 18.81
CA VAL D 29 -2.58 -21.54 19.01
C VAL D 29 -1.98 -20.38 18.26
N ASP D 30 -2.75 -19.83 17.33
CA ASP D 30 -2.23 -18.83 16.40
C ASP D 30 -0.89 -19.31 15.86
N ASP D 31 0.16 -18.52 16.08
CA ASP D 31 1.48 -18.79 15.53
C ASP D 31 2.44 -19.43 16.54
N THR D 32 1.89 -19.93 17.65
CA THR D 32 2.69 -20.43 18.77
C THR D 32 2.38 -21.90 19.03
N GLN D 33 3.42 -22.74 18.97
CA GLN D 33 3.24 -24.18 19.14
C GLN D 33 3.09 -24.48 20.62
N PHE D 34 2.36 -25.53 20.99
CA PHE D 34 2.18 -25.76 22.43
C PHE D 34 2.29 -27.21 22.93
N VAL D 35 2.15 -28.16 22.01
CA VAL D 35 2.28 -29.57 22.33
C VAL D 35 2.71 -30.36 21.09
N ARG D 36 3.07 -31.62 21.29
CA ARG D 36 3.53 -32.47 20.21
C ARG D 36 3.40 -33.93 20.61
N PHE D 37 3.42 -34.79 19.61
CA PHE D 37 3.51 -36.22 19.83
C PHE D 37 4.35 -36.82 18.71
N ASP D 38 5.32 -37.66 19.07
CA ASP D 38 6.14 -38.36 18.08
C ASP D 38 6.09 -39.85 18.38
N SER D 39 5.57 -40.65 17.44
CA SER D 39 5.37 -42.09 17.67
C SER D 39 6.71 -42.85 17.76
N ASP D 40 7.79 -42.22 17.30
CA ASP D 40 9.12 -42.80 17.43
C ASP D 40 9.81 -42.43 18.75
N ALA D 41 9.31 -41.41 19.46
CA ALA D 41 9.98 -40.97 20.70
C ALA D 41 9.73 -41.96 21.83
N ALA D 42 10.65 -42.01 22.78
CA ALA D 42 10.56 -42.95 23.88
C ALA D 42 9.43 -42.63 24.84
N SER D 43 9.19 -41.33 25.08
CA SER D 43 8.16 -40.89 26.05
C SER D 43 6.79 -41.51 25.77
N GLN D 44 6.42 -41.55 24.48
CA GLN D 44 5.17 -42.17 24.05
C GLN D 44 3.96 -41.42 24.61
N ARG D 45 4.16 -40.12 24.84
CA ARG D 45 3.16 -39.24 25.47
C ARG D 45 3.00 -37.93 24.72
N MET D 46 1.83 -37.28 24.83
CA MET D 46 1.75 -35.89 24.42
C MET D 46 2.65 -35.08 25.36
N GLU D 47 3.46 -34.17 24.80
CA GLU D 47 4.41 -33.39 25.59
C GLU D 47 4.17 -31.89 25.48
N PRO D 48 4.42 -31.14 26.57
CA PRO D 48 4.27 -29.68 26.57
C PRO D 48 5.37 -29.02 25.74
N ARG D 49 5.00 -27.95 25.01
CA ARG D 49 5.97 -27.25 24.14
C ARG D 49 5.88 -25.74 24.24
N ALA D 50 5.06 -25.26 25.17
CA ALA D 50 5.04 -23.86 25.52
C ALA D 50 4.87 -23.84 27.02
N PRO D 51 5.43 -22.82 27.71
CA PRO D 51 5.48 -22.87 29.18
C PRO D 51 4.08 -22.82 29.81
N TRP D 52 3.14 -22.18 29.14
CA TRP D 52 1.80 -21.97 29.70
C TRP D 52 0.85 -23.15 29.60
N ILE D 53 1.33 -24.28 29.11
CA ILE D 53 0.53 -25.49 29.09
C ILE D 53 1.06 -26.49 30.13
N GLU D 54 2.29 -26.26 30.59
CA GLU D 54 2.92 -27.14 31.58
C GLU D 54 2.10 -27.23 32.86
N GLN D 55 1.31 -26.20 33.10
CA GLN D 55 0.45 -26.10 34.29
C GLN D 55 -0.71 -27.10 34.34
N GLU D 56 -1.22 -27.51 33.18
CA GLU D 56 -2.32 -28.47 33.11
C GLU D 56 -2.03 -29.71 33.94
N GLY D 57 -3.08 -30.23 34.59
CA GLY D 57 -2.96 -31.39 35.47
C GLY D 57 -2.74 -32.67 34.70
N PRO D 58 -2.34 -33.76 35.40
CA PRO D 58 -1.95 -35.03 34.77
C PRO D 58 -3.14 -35.73 34.13
N GLU D 59 -4.34 -35.23 34.42
CA GLU D 59 -5.58 -35.70 33.82
C GLU D 59 -5.62 -35.27 32.36
N TYR D 60 -5.30 -33.99 32.13
CA TYR D 60 -5.13 -33.44 30.79
C TYR D 60 -4.21 -34.33 29.99
N TRP D 61 -2.96 -34.44 30.46
CA TRP D 61 -1.93 -35.20 29.76
C TRP D 61 -2.30 -36.61 29.48
N ASP D 62 -3.14 -37.20 30.32
CA ASP D 62 -3.58 -38.57 30.11
C ASP D 62 -4.55 -38.69 28.93
N GLU D 63 -5.60 -37.87 28.91
CA GLU D 63 -6.59 -37.90 27.82
C GLU D 63 -5.95 -37.53 26.48
N GLU D 64 -5.27 -36.38 26.45
CA GLU D 64 -4.59 -35.89 25.25
C GLU D 64 -3.67 -36.94 24.66
N THR D 65 -2.96 -37.66 25.51
CA THR D 65 -2.15 -38.81 25.10
C THR D 65 -3.04 -39.89 24.50
N GLY D 66 -4.11 -40.22 25.22
CA GLY D 66 -5.07 -41.23 24.79
C GLY D 66 -5.58 -40.98 23.38
N LYS D 67 -6.05 -39.75 23.15
CA LYS D 67 -6.63 -39.37 21.87
C LYS D 67 -5.60 -39.36 20.74
N VAL D 68 -4.39 -38.86 21.02
CA VAL D 68 -3.36 -38.78 19.99
C VAL D 68 -2.83 -40.17 19.60
N LYS D 69 -2.66 -41.05 20.58
CA LYS D 69 -2.26 -42.43 20.32
C LYS D 69 -3.27 -43.16 19.42
N ALA D 70 -4.56 -43.01 19.76
CA ALA D 70 -5.64 -43.59 18.96
C ALA D 70 -5.57 -43.10 17.51
N HIS D 71 -5.43 -41.79 17.33
CA HIS D 71 -5.31 -41.19 16.00
C HIS D 71 -4.21 -41.83 15.19
N SER D 72 -3.02 -41.91 15.77
CA SER D 72 -1.85 -42.53 15.12
C SER D 72 -2.16 -43.92 14.58
N GLN D 73 -2.84 -44.73 15.40
CA GLN D 73 -3.28 -46.06 14.97
C GLN D 73 -4.31 -45.99 13.86
N THR D 74 -5.25 -45.06 13.99
CA THR D 74 -6.26 -44.87 12.95
C THR D 74 -5.59 -44.53 11.61
N ASP D 75 -4.61 -43.61 11.62
CA ASP D 75 -3.98 -43.20 10.35
C ASP D 75 -3.08 -44.25 9.73
N ARG D 76 -2.38 -45.01 10.58
CA ARG D 76 -1.67 -46.22 10.16
C ARG D 76 -2.59 -47.13 9.37
N GLU D 77 -3.76 -47.44 9.94
CA GLU D 77 -4.72 -48.25 9.21
C GLU D 77 -5.20 -47.51 7.96
N ASN D 78 -5.30 -46.18 8.05
CA ASN D 78 -5.74 -45.38 6.92
C ASN D 78 -4.79 -45.38 5.74
N LEU D 79 -3.50 -45.47 6.02
CA LEU D 79 -2.50 -45.62 4.95
C LEU D 79 -2.69 -46.96 4.25
N ARG D 80 -2.86 -48.02 5.02
CA ARG D 80 -3.16 -49.35 4.48
C ARG D 80 -4.34 -49.29 3.52
N ILE D 81 -5.46 -48.76 4.01
CA ILE D 81 -6.70 -48.67 3.22
C ILE D 81 -6.51 -47.87 1.95
N ALA D 82 -5.90 -46.69 2.06
CA ALA D 82 -5.60 -45.88 0.85
C ALA D 82 -4.85 -46.68 -0.22
N LEU D 83 -3.80 -47.38 0.22
CA LEU D 83 -2.98 -48.23 -0.64
C LEU D 83 -3.85 -49.19 -1.44
N ARG D 84 -4.81 -49.78 -0.75
CA ARG D 84 -5.72 -50.75 -1.33
C ARG D 84 -6.67 -50.06 -2.31
N TYR D 85 -7.31 -48.96 -1.87
CA TYR D 85 -8.23 -48.21 -2.74
C TYR D 85 -7.55 -47.83 -4.03
N TYR D 86 -6.41 -47.16 -3.93
CA TYR D 86 -5.64 -46.68 -5.08
C TYR D 86 -4.88 -47.74 -5.85
N ASN D 87 -4.75 -48.93 -5.25
CA ASN D 87 -4.04 -50.06 -5.86
C ASN D 87 -2.57 -49.74 -6.06
N GLN D 88 -1.96 -49.16 -5.03
CA GLN D 88 -0.59 -48.74 -5.12
C GLN D 88 0.30 -49.82 -4.53
N SER D 89 1.54 -49.85 -4.97
CA SER D 89 2.50 -50.85 -4.52
C SER D 89 2.92 -50.59 -3.08
N GLU D 90 3.12 -51.66 -2.33
CA GLU D 90 3.56 -51.59 -0.94
C GLU D 90 5.02 -51.18 -0.79
N ALA D 91 5.74 -51.11 -1.90
CA ALA D 91 7.15 -50.75 -1.88
C ALA D 91 7.41 -49.26 -1.68
N GLY D 92 6.43 -48.42 -2.04
CA GLY D 92 6.59 -46.97 -1.96
C GLY D 92 6.11 -46.36 -0.64
N SER D 93 6.71 -45.23 -0.28
CA SER D 93 6.31 -44.47 0.90
C SER D 93 5.14 -43.56 0.57
N HIS D 94 4.20 -43.45 1.50
CA HIS D 94 3.07 -42.54 1.34
C HIS D 94 2.79 -41.75 2.60
N THR D 95 2.22 -40.56 2.43
CA THR D 95 1.99 -39.62 3.53
C THR D 95 0.51 -39.28 3.72
N LEU D 96 0.11 -39.13 4.97
CA LEU D 96 -1.24 -38.74 5.27
C LEU D 96 -1.14 -37.58 6.23
N GLN D 97 -1.72 -36.45 5.85
CA GLN D 97 -1.72 -35.26 6.72
C GLN D 97 -3.13 -34.84 7.06
N MET D 98 -3.24 -34.15 8.19
CA MET D 98 -4.50 -33.84 8.79
C MET D 98 -4.43 -32.50 9.51
N MET D 99 -5.37 -31.61 9.19
CA MET D 99 -5.51 -30.37 9.94
C MET D 99 -6.87 -30.38 10.62
N PHE D 100 -6.86 -30.01 11.89
CA PHE D 100 -8.10 -29.90 12.64
C PHE D 100 -8.06 -28.62 13.46
N GLY D 101 -9.23 -27.98 13.61
CA GLY D 101 -9.34 -26.93 14.64
C GLY D 101 -10.37 -25.85 14.43
N CYS D 102 -10.25 -24.79 15.25
CA CYS D 102 -11.29 -23.78 15.33
C CYS D 102 -10.78 -22.34 15.45
N ASP D 103 -11.57 -21.43 14.90
CA ASP D 103 -11.35 -20.00 15.02
C ASP D 103 -12.38 -19.41 15.96
N VAL D 104 -11.94 -18.45 16.78
CA VAL D 104 -12.85 -17.64 17.58
C VAL D 104 -12.64 -16.15 17.32
N GLY D 105 -13.69 -15.35 17.49
CA GLY D 105 -13.60 -13.91 17.40
C GLY D 105 -13.05 -13.29 18.67
N SER D 106 -13.09 -11.96 18.73
CA SER D 106 -12.44 -11.18 19.79
C SER D 106 -12.86 -11.50 21.20
N ASP D 107 -14.09 -11.99 21.36
CA ASP D 107 -14.64 -12.20 22.70
C ASP D 107 -14.89 -13.68 22.95
N GLY D 108 -14.45 -14.50 22.01
CA GLY D 108 -14.35 -15.94 22.23
C GLY D 108 -15.44 -16.79 21.60
N ARG D 109 -16.26 -16.20 20.74
CA ARG D 109 -17.33 -16.98 20.15
C ARG D 109 -16.81 -17.76 18.95
N PHE D 110 -17.32 -18.97 18.77
CA PHE D 110 -17.07 -19.75 17.57
C PHE D 110 -17.15 -18.92 16.31
N LEU D 111 -16.20 -19.11 15.42
CA LEU D 111 -16.22 -18.44 14.14
C LEU D 111 -16.29 -19.50 13.04
N ARG D 112 -15.29 -20.38 13.01
CA ARG D 112 -15.31 -21.48 12.06
C ARG D 112 -14.52 -22.70 12.52
N GLY D 113 -14.74 -23.81 11.83
CA GLY D 113 -14.15 -25.08 12.19
C GLY D 113 -13.58 -25.73 10.95
N TYR D 114 -12.61 -26.62 11.15
CA TYR D 114 -11.94 -27.28 10.06
C TYR D 114 -11.64 -28.70 10.42
N HIS D 115 -11.71 -29.55 9.41
CA HIS D 115 -11.24 -30.91 9.53
C HIS D 115 -10.98 -31.44 8.16
N GLN D 116 -9.70 -31.61 7.83
CA GLN D 116 -9.30 -32.07 6.49
C GLN D 116 -8.11 -33.02 6.42
N TYR D 117 -8.15 -33.86 5.39
CA TYR D 117 -7.07 -34.77 5.11
C TYR D 117 -6.46 -34.52 3.74
N ALA D 118 -5.13 -34.64 3.68
CA ALA D 118 -4.43 -34.78 2.40
C ALA D 118 -3.68 -36.12 2.33
N TYR D 119 -3.70 -36.72 1.14
CA TYR D 119 -2.97 -37.92 0.85
C TYR D 119 -1.91 -37.58 -0.19
N ASP D 120 -0.67 -37.99 0.05
CA ASP D 120 0.48 -37.60 -0.76
C ASP D 120 0.47 -36.11 -1.17
N GLY D 121 -0.02 -35.25 -0.29
CA GLY D 121 0.01 -33.81 -0.53
C GLY D 121 -1.18 -33.21 -1.26
N LYS D 122 -2.10 -34.05 -1.71
CA LYS D 122 -3.33 -33.57 -2.35
C LYS D 122 -4.50 -33.76 -1.41
N ASP D 123 -5.45 -32.84 -1.46
CA ASP D 123 -6.70 -32.95 -0.71
C ASP D 123 -7.35 -34.31 -0.90
N TYR D 124 -7.94 -34.84 0.17
CA TYR D 124 -8.59 -36.14 0.08
C TYR D 124 -10.07 -36.03 0.48
N ILE D 125 -10.30 -35.66 1.73
CA ILE D 125 -11.60 -35.35 2.25
C ILE D 125 -11.47 -34.14 3.18
N ALA D 126 -12.50 -33.31 3.20
CA ALA D 126 -12.52 -32.14 4.05
C ALA D 126 -13.94 -31.92 4.55
N LEU D 127 -14.08 -31.44 5.77
CA LEU D 127 -15.38 -31.03 6.24
C LEU D 127 -15.68 -29.67 5.61
N LYS D 128 -16.80 -29.57 4.87
CA LYS D 128 -17.25 -28.28 4.33
C LYS D 128 -17.41 -27.25 5.44
N GLU D 129 -17.32 -25.98 5.04
CA GLU D 129 -17.35 -24.87 5.97
C GLU D 129 -18.60 -24.87 6.88
N ASP D 130 -19.73 -25.33 6.35
CA ASP D 130 -20.96 -25.31 7.14
C ASP D 130 -20.96 -26.43 8.17
N LEU D 131 -19.98 -27.32 8.06
CA LEU D 131 -19.72 -28.37 9.05
C LEU D 131 -20.79 -29.46 9.01
N ARG D 132 -21.46 -29.59 7.86
CA ARG D 132 -22.58 -30.53 7.76
C ARG D 132 -22.40 -31.60 6.70
N SER D 133 -21.45 -31.40 5.78
CA SER D 133 -21.05 -32.47 4.86
C SER D 133 -19.62 -32.38 4.33
N TRP D 134 -19.26 -33.28 3.42
CA TRP D 134 -17.87 -33.52 3.04
C TRP D 134 -17.62 -33.20 1.61
N THR D 135 -16.38 -32.79 1.34
CA THR D 135 -15.86 -32.75 -0.02
C THR D 135 -14.86 -33.90 -0.17
N ALA D 136 -15.21 -34.83 -1.06
CA ALA D 136 -14.35 -35.92 -1.44
C ALA D 136 -13.69 -35.51 -2.75
N ALA D 137 -12.39 -35.74 -2.87
CA ALA D 137 -11.68 -35.28 -4.05
C ALA D 137 -11.81 -36.22 -5.25
N ASP D 138 -12.08 -37.50 -4.98
CA ASP D 138 -12.13 -38.51 -6.04
C ASP D 138 -12.90 -39.75 -5.64
N MET D 139 -12.98 -40.71 -6.57
CA MET D 139 -13.77 -41.91 -6.34
C MET D 139 -13.34 -42.71 -5.11
N ALA D 140 -12.08 -42.58 -4.72
CA ALA D 140 -11.60 -43.23 -3.50
C ALA D 140 -12.10 -42.51 -2.23
N ALA D 141 -11.98 -41.19 -2.21
CA ALA D 141 -12.45 -40.41 -1.08
C ALA D 141 -13.98 -40.46 -0.97
N GLN D 142 -14.63 -40.86 -2.05
CA GLN D 142 -16.09 -40.95 -2.12
C GLN D 142 -16.53 -42.07 -1.20
N ILE D 143 -15.77 -43.16 -1.24
CA ILE D 143 -16.00 -44.32 -0.37
C ILE D 143 -15.96 -43.92 1.10
N THR D 144 -14.95 -43.16 1.47
CA THR D 144 -14.78 -42.70 2.84
C THR D 144 -15.90 -41.74 3.24
N LYS D 145 -16.34 -40.94 2.28
CA LYS D 145 -17.48 -40.04 2.50
C LYS D 145 -18.74 -40.80 2.91
N ARG D 146 -19.12 -41.82 2.13
CA ARG D 146 -20.27 -42.67 2.47
C ARG D 146 -20.13 -43.26 3.88
N LYS D 147 -18.97 -43.84 4.19
CA LYS D 147 -18.69 -44.29 5.55
C LYS D 147 -18.97 -43.21 6.61
N TRP D 148 -18.52 -41.98 6.35
CA TRP D 148 -18.56 -40.93 7.36
C TRP D 148 -19.95 -40.39 7.53
N GLU D 149 -20.69 -40.38 6.42
CA GLU D 149 -22.11 -40.00 6.45
C GLU D 149 -22.90 -41.01 7.24
N ALA D 150 -22.65 -42.29 6.97
CA ALA D 150 -23.37 -43.38 7.63
C ALA D 150 -23.11 -43.42 9.13
N ALA D 151 -21.94 -42.97 9.57
CA ALA D 151 -21.58 -43.06 10.97
C ALA D 151 -21.72 -41.72 11.69
N HIS D 152 -22.27 -40.72 10.98
CA HIS D 152 -22.55 -39.40 11.55
C HIS D 152 -21.34 -38.71 12.12
N VAL D 153 -20.24 -38.75 11.38
CA VAL D 153 -19.00 -38.14 11.82
C VAL D 153 -19.07 -36.60 11.87
N ALA D 154 -19.69 -36.01 10.86
CA ALA D 154 -19.85 -34.55 10.74
C ALA D 154 -20.46 -33.92 11.98
N GLU D 155 -21.49 -34.57 12.53
CA GLU D 155 -22.19 -34.08 13.71
C GLU D 155 -21.33 -34.20 14.96
N GLN D 156 -20.67 -35.33 15.13
CA GLN D 156 -19.72 -35.47 16.21
C GLN D 156 -18.64 -34.36 16.11
N GLN D 157 -18.11 -34.13 14.91
CA GLN D 157 -17.05 -33.13 14.73
C GLN D 157 -17.54 -31.68 14.86
N ARG D 158 -18.75 -31.42 14.37
CA ARG D 158 -19.37 -30.11 14.59
C ARG D 158 -19.54 -29.83 16.08
N ALA D 159 -20.07 -30.81 16.82
CA ALA D 159 -20.30 -30.63 18.24
C ALA D 159 -19.00 -30.28 18.96
N TYR D 160 -17.94 -31.06 18.67
CA TYR D 160 -16.61 -30.87 19.25
C TYR D 160 -15.94 -29.55 18.87
N LEU D 161 -16.04 -29.20 17.58
CA LEU D 161 -15.50 -27.94 17.07
C LEU D 161 -16.16 -26.72 17.69
N GLU D 162 -17.47 -26.81 17.90
CA GLU D 162 -18.21 -25.70 18.51
C GLU D 162 -18.17 -25.75 20.04
N GLY D 163 -18.02 -26.97 20.59
CA GLY D 163 -17.97 -27.15 22.04
C GLY D 163 -16.57 -27.14 22.62
N THR D 164 -16.01 -28.33 22.81
CA THR D 164 -14.70 -28.47 23.42
C THR D 164 -13.61 -27.59 22.76
N CYS D 165 -13.52 -27.61 21.43
CA CYS D 165 -12.46 -26.87 20.74
C CYS D 165 -12.44 -25.41 21.17
N VAL D 166 -13.59 -24.74 21.17
CA VAL D 166 -13.57 -23.32 21.53
C VAL D 166 -13.32 -23.14 23.03
N ASP D 167 -13.83 -24.06 23.84
CA ASP D 167 -13.63 -23.97 25.28
C ASP D 167 -12.15 -24.12 25.61
N GLY D 168 -11.51 -25.11 25.00
CA GLY D 168 -10.05 -25.28 25.10
C GLY D 168 -9.27 -24.05 24.65
N LEU D 169 -9.63 -23.51 23.49
CA LEU D 169 -9.01 -22.29 22.99
C LEU D 169 -9.16 -21.12 23.96
N ARG D 170 -10.39 -20.91 24.48
CA ARG D 170 -10.64 -19.86 25.49
C ARG D 170 -9.68 -20.04 26.66
N ARG D 171 -9.56 -21.27 27.13
CA ARG D 171 -8.74 -21.60 28.28
C ARG D 171 -7.25 -21.36 28.01
N TYR D 172 -6.75 -21.81 26.86
CA TYR D 172 -5.34 -21.59 26.52
C TYR D 172 -5.02 -20.09 26.46
N LEU D 173 -5.91 -19.34 25.80
CA LEU D 173 -5.74 -17.89 25.63
C LEU D 173 -5.67 -17.15 26.96
N GLU D 174 -6.40 -17.66 27.95
CA GLU D 174 -6.29 -17.17 29.32
C GLU D 174 -4.99 -17.64 29.95
N ASN D 175 -4.79 -18.95 30.07
CA ASN D 175 -3.57 -19.51 30.66
C ASN D 175 -2.27 -18.97 30.08
N GLY D 176 -2.23 -18.73 28.77
CA GLY D 176 -1.05 -18.17 28.09
C GLY D 176 -1.17 -16.68 27.75
N LYS D 177 -1.99 -15.98 28.53
CA LYS D 177 -2.27 -14.55 28.35
C LYS D 177 -1.07 -13.66 28.00
N GLU D 178 0.07 -13.88 28.66
CA GLU D 178 1.26 -13.07 28.43
C GLU D 178 1.93 -13.34 27.08
N THR D 179 2.10 -14.62 26.76
CA THR D 179 2.57 -15.04 25.44
C THR D 179 1.55 -14.63 24.39
N LEU D 180 0.37 -15.25 24.43
CA LEU D 180 -0.55 -15.27 23.29
C LEU D 180 -1.24 -13.94 22.91
N GLN D 181 -1.61 -13.16 23.90
CA GLN D 181 -2.36 -11.94 23.64
C GLN D 181 -1.46 -10.70 23.57
N ARG D 182 -0.16 -10.94 23.45
CA ARG D 182 0.84 -9.89 23.30
C ARG D 182 0.96 -9.51 21.83
N THR D 183 1.33 -8.26 21.58
CA THR D 183 1.56 -7.84 20.22
C THR D 183 2.96 -7.24 20.10
N ASP D 184 3.88 -8.02 19.53
CA ASP D 184 5.27 -7.62 19.37
C ASP D 184 5.51 -6.98 18.03
N PRO D 185 5.84 -5.69 18.04
CA PRO D 185 6.06 -4.89 16.83
C PRO D 185 7.43 -5.14 16.20
N PRO D 186 7.51 -5.09 14.87
CA PRO D 186 8.78 -5.29 14.16
C PRO D 186 9.80 -4.24 14.55
N LYS D 187 11.06 -4.64 14.67
CA LYS D 187 12.12 -3.65 14.79
C LYS D 187 12.67 -3.48 13.38
N THR D 188 12.63 -2.25 12.88
CA THR D 188 12.91 -2.00 11.46
C THR D 188 14.20 -1.25 11.22
N HIS D 189 14.92 -1.63 10.18
CA HIS D 189 16.08 -0.87 9.73
C HIS D 189 16.39 -1.18 8.30
N MET D 190 17.24 -0.34 7.71
CA MET D 190 17.62 -0.49 6.32
C MET D 190 19.11 -0.73 6.19
N THR D 191 19.46 -1.60 5.25
CA THR D 191 20.85 -1.84 4.90
C THR D 191 21.03 -1.64 3.40
N HIS D 192 22.29 -1.48 2.99
CA HIS D 192 22.63 -1.10 1.63
C HIS D 192 23.80 -1.93 1.18
N HIS D 193 23.77 -2.39 -0.07
CA HIS D 193 24.79 -3.29 -0.61
C HIS D 193 24.97 -3.03 -2.08
N PRO D 194 26.09 -2.38 -2.46
CA PRO D 194 26.36 -2.12 -3.88
C PRO D 194 26.53 -3.41 -4.71
N ILE D 195 25.74 -3.53 -5.77
CA ILE D 195 25.82 -4.66 -6.70
C ILE D 195 27.00 -4.46 -7.68
N SER D 196 27.06 -3.28 -8.29
CA SER D 196 28.19 -2.87 -9.14
C SER D 196 28.33 -1.35 -9.01
N ASP D 197 28.73 -0.69 -10.10
CA ASP D 197 28.78 0.77 -10.15
C ASP D 197 27.48 1.32 -10.71
N HIS D 198 26.77 0.49 -11.45
CA HIS D 198 25.52 0.87 -12.06
C HIS D 198 24.36 0.75 -11.08
N GLU D 199 24.58 -0.01 -9.99
CA GLU D 199 23.45 -0.46 -9.14
C GLU D 199 23.76 -0.75 -7.67
N ALA D 200 22.69 -0.74 -6.86
CA ALA D 200 22.77 -1.21 -5.47
C ALA D 200 21.47 -1.88 -5.02
N THR D 201 21.59 -2.69 -3.97
CA THR D 201 20.46 -3.32 -3.29
C THR D 201 20.11 -2.53 -2.02
N LEU D 202 18.87 -2.06 -1.92
CA LEU D 202 18.35 -1.59 -0.63
C LEU D 202 17.48 -2.65 -0.02
N ARG D 203 17.83 -3.06 1.20
CA ARG D 203 17.08 -4.08 1.94
C ARG D 203 16.40 -3.53 3.19
N CYS D 204 15.10 -3.75 3.27
CA CYS D 204 14.30 -3.30 4.39
C CYS D 204 14.02 -4.45 5.36
N TRP D 205 14.33 -4.27 6.64
CA TRP D 205 14.24 -5.36 7.63
C TRP D 205 13.12 -5.21 8.61
N ALA D 206 12.48 -6.31 8.94
CA ALA D 206 11.55 -6.35 10.06
C ALA D 206 11.89 -7.57 10.91
N LEU D 207 12.16 -7.33 12.20
CA LEU D 207 12.67 -8.37 13.11
C LEU D 207 11.93 -8.43 14.44
N GLY D 208 12.00 -9.59 15.09
CA GLY D 208 11.40 -9.77 16.40
C GLY D 208 9.92 -9.45 16.47
N PHE D 209 9.19 -9.64 15.37
CA PHE D 209 7.78 -9.30 15.39
C PHE D 209 6.91 -10.51 15.69
N TYR D 210 5.70 -10.25 16.21
CA TYR D 210 4.71 -11.28 16.50
C TYR D 210 3.31 -10.64 16.60
N PRO D 211 2.29 -11.24 15.96
CA PRO D 211 2.31 -12.50 15.21
C PRO D 211 3.00 -12.32 13.86
N ALA D 212 3.00 -13.37 13.04
CA ALA D 212 3.80 -13.39 11.80
C ALA D 212 3.19 -12.59 10.64
N GLU D 213 1.95 -12.15 10.82
CA GLU D 213 1.26 -11.37 9.81
C GLU D 213 1.93 -10.01 9.61
N ILE D 214 2.51 -9.79 8.43
CA ILE D 214 3.26 -8.56 8.18
C ILE D 214 3.26 -8.13 6.71
N THR D 215 3.23 -6.81 6.49
CA THR D 215 3.36 -6.30 5.13
C THR D 215 4.53 -5.31 4.93
N LEU D 216 5.44 -5.69 4.02
CA LEU D 216 6.56 -4.85 3.63
C LEU D 216 6.39 -4.40 2.19
N THR D 217 6.36 -3.09 1.97
CA THR D 217 6.11 -2.53 0.64
C THR D 217 7.07 -1.39 0.26
N TRP D 218 7.69 -1.50 -0.91
CA TRP D 218 8.61 -0.47 -1.44
C TRP D 218 7.95 0.55 -2.33
N GLN D 219 8.35 1.81 -2.21
CA GLN D 219 7.88 2.87 -3.12
C GLN D 219 9.02 3.63 -3.81
N ARG D 220 8.79 4.05 -5.04
CA ARG D 220 9.66 5.01 -5.72
C ARG D 220 8.86 6.28 -5.96
N ASP D 221 9.24 7.35 -5.27
CA ASP D 221 8.59 8.65 -5.43
C ASP D 221 7.11 8.57 -5.07
N GLY D 222 6.84 8.11 -3.84
CA GLY D 222 5.48 8.00 -3.32
C GLY D 222 4.55 7.04 -4.05
N GLU D 223 5.10 6.20 -4.93
CA GLU D 223 4.29 5.30 -5.73
C GLU D 223 4.78 3.87 -5.63
N ASP D 224 3.86 2.95 -5.30
CA ASP D 224 4.17 1.53 -5.15
C ASP D 224 5.12 1.01 -6.23
N GLN D 225 5.89 0.00 -5.87
CA GLN D 225 6.93 -0.53 -6.73
C GLN D 225 6.90 -2.05 -6.64
N THR D 226 6.80 -2.72 -7.78
CA THR D 226 6.84 -4.19 -7.81
C THR D 226 7.78 -4.71 -8.92
N GLN D 227 8.19 -3.82 -9.82
CA GLN D 227 9.30 -4.18 -10.71
C GLN D 227 10.57 -4.28 -9.86
N ASP D 228 11.11 -5.49 -9.77
CA ASP D 228 12.39 -5.78 -9.12
C ASP D 228 12.39 -5.71 -7.58
N THR D 229 11.29 -6.10 -6.94
CA THR D 229 11.26 -6.20 -5.48
C THR D 229 11.30 -7.65 -4.98
N GLU D 230 12.42 -8.04 -4.40
CA GLU D 230 12.58 -9.36 -3.79
C GLU D 230 11.93 -9.35 -2.41
N LEU D 231 11.28 -10.44 -2.06
CA LEU D 231 10.52 -10.52 -0.82
C LEU D 231 10.61 -11.93 -0.29
N VAL D 232 11.54 -12.17 0.64
CA VAL D 232 11.68 -13.50 1.23
C VAL D 232 10.50 -13.89 2.13
N GLU D 233 10.33 -15.19 2.31
CA GLU D 233 9.29 -15.71 3.17
C GLU D 233 9.56 -15.36 4.61
N THR D 234 8.50 -15.08 5.36
CA THR D 234 8.59 -14.91 6.80
C THR D 234 9.13 -16.17 7.48
N ARG D 235 10.13 -15.98 8.33
CA ARG D 235 10.81 -17.07 9.00
C ARG D 235 10.78 -16.87 10.53
N PRO D 236 10.88 -17.97 11.30
CA PRO D 236 10.89 -17.81 12.74
C PRO D 236 12.29 -17.50 13.24
N ALA D 237 12.38 -16.71 14.29
CA ALA D 237 13.69 -16.38 14.87
C ALA D 237 14.13 -17.46 15.86
N GLY D 238 13.22 -18.36 16.22
CA GLY D 238 13.53 -19.40 17.19
C GLY D 238 13.16 -19.03 18.61
N ASP D 239 12.89 -17.75 18.87
CA ASP D 239 12.50 -17.30 20.21
C ASP D 239 11.01 -16.98 20.35
N GLY D 240 10.23 -17.31 19.33
CA GLY D 240 8.78 -17.02 19.35
C GLY D 240 8.41 -15.84 18.46
N THR D 241 9.43 -15.25 17.84
CA THR D 241 9.16 -14.13 16.96
C THR D 241 9.58 -14.46 15.53
N PHE D 242 9.22 -13.57 14.62
CA PHE D 242 9.45 -13.77 13.20
C PHE D 242 10.29 -12.65 12.60
N GLN D 243 10.87 -12.93 11.44
CA GLN D 243 11.69 -11.98 10.72
C GLN D 243 11.27 -12.01 9.26
N LYS D 244 11.53 -10.92 8.55
CA LYS D 244 11.25 -10.82 7.12
C LYS D 244 12.00 -9.63 6.56
N TRP D 245 12.45 -9.73 5.32
CA TRP D 245 12.93 -8.55 4.62
C TRP D 245 12.46 -8.42 3.20
N ALA D 246 12.56 -7.20 2.67
CA ALA D 246 12.27 -6.94 1.28
C ALA D 246 13.37 -6.10 0.67
N ALA D 247 13.82 -6.45 -0.54
CA ALA D 247 14.88 -5.73 -1.24
C ALA D 247 14.40 -5.06 -2.54
N VAL D 248 15.14 -4.04 -2.98
CA VAL D 248 15.02 -3.48 -4.33
C VAL D 248 16.40 -3.24 -4.90
N VAL D 249 16.54 -3.47 -6.20
CA VAL D 249 17.76 -3.09 -6.89
C VAL D 249 17.53 -1.70 -7.46
N VAL D 250 18.53 -0.86 -7.29
CA VAL D 250 18.38 0.58 -7.46
C VAL D 250 19.62 1.12 -8.18
N PRO D 251 19.41 2.03 -9.16
CA PRO D 251 20.56 2.67 -9.79
C PRO D 251 21.28 3.59 -8.80
N SER D 252 22.61 3.54 -8.79
CA SER D 252 23.44 4.32 -7.86
C SER D 252 23.13 5.82 -7.92
N GLY D 253 22.76 6.41 -6.79
CA GLY D 253 22.45 7.83 -6.75
C GLY D 253 20.96 8.08 -6.70
N GLU D 254 20.17 7.06 -7.00
CA GLU D 254 18.72 7.16 -6.93
C GLU D 254 18.18 6.72 -5.55
N GLU D 255 19.08 6.36 -4.65
CA GLU D 255 18.69 5.73 -3.37
C GLU D 255 17.65 6.48 -2.56
N GLN D 256 17.81 7.79 -2.41
CA GLN D 256 16.90 8.54 -1.53
C GLN D 256 15.49 8.77 -2.07
N ARG D 257 15.20 8.21 -3.26
CA ARG D 257 13.85 8.21 -3.83
C ARG D 257 12.96 7.08 -3.31
N TYR D 258 13.58 6.04 -2.76
CA TYR D 258 12.82 4.88 -2.35
C TYR D 258 12.46 4.94 -0.88
N THR D 259 11.26 4.48 -0.57
CA THR D 259 10.82 4.33 0.80
C THR D 259 10.32 2.91 0.97
N CYS D 260 10.47 2.39 2.18
CA CYS D 260 9.90 1.12 2.54
C CYS D 260 8.82 1.42 3.59
N HIS D 261 7.72 0.68 3.52
CA HIS D 261 6.64 0.83 4.49
C HIS D 261 6.34 -0.46 5.17
N VAL D 262 6.25 -0.40 6.49
CA VAL D 262 6.04 -1.59 7.29
C VAL D 262 4.67 -1.49 7.96
N GLN D 263 3.82 -2.49 7.74
CA GLN D 263 2.58 -2.60 8.51
C GLN D 263 2.50 -3.91 9.28
N HIS D 264 1.98 -3.80 10.50
CA HIS D 264 1.87 -4.89 11.42
C HIS D 264 0.91 -4.50 12.51
N GLU D 265 0.08 -5.45 12.92
CA GLU D 265 -0.93 -5.24 13.97
C GLU D 265 -0.35 -4.58 15.24
N GLY D 266 0.95 -4.72 15.45
CA GLY D 266 1.62 -4.16 16.63
C GLY D 266 2.02 -2.70 16.51
N LEU D 267 1.87 -2.12 15.32
CA LEU D 267 2.26 -0.74 15.08
C LEU D 267 1.06 0.17 15.10
N PRO D 268 1.04 1.16 16.02
CA PRO D 268 -0.04 2.13 16.06
C PRO D 268 -0.20 2.77 14.68
N LYS D 269 0.92 3.23 14.12
CA LYS D 269 0.97 3.79 12.77
C LYS D 269 1.95 2.99 11.90
N PRO D 270 1.67 2.84 10.60
CA PRO D 270 2.65 2.17 9.72
C PRO D 270 3.94 3.00 9.64
N LEU D 271 5.07 2.32 9.48
CA LEU D 271 6.37 2.98 9.53
C LEU D 271 6.93 3.19 8.14
N THR D 272 7.48 4.39 7.91
CA THR D 272 8.17 4.72 6.67
C THR D 272 9.66 4.78 6.95
N LEU D 273 10.44 4.04 6.17
CA LEU D 273 11.89 4.10 6.24
C LEU D 273 12.48 4.58 4.92
N ARG D 274 13.54 5.37 5.03
CA ARG D 274 14.18 6.03 3.90
C ARG D 274 15.68 5.84 4.10
N TRP D 275 16.46 5.77 3.02
CA TRP D 275 17.92 5.62 3.13
C TRP D 275 18.64 6.87 3.55
N MET E 1 1.42 -37.09 -7.40
CA MET E 1 2.04 -36.53 -6.16
C MET E 1 3.27 -35.68 -6.51
N ILE E 2 3.02 -34.40 -6.86
CA ILE E 2 4.11 -33.47 -7.18
C ILE E 2 4.96 -33.21 -5.95
N GLN E 3 6.27 -33.33 -6.13
CA GLN E 3 7.21 -33.05 -5.06
C GLN E 3 7.53 -31.56 -5.04
N ARG E 4 7.98 -31.06 -3.90
CA ARG E 4 8.22 -29.65 -3.73
C ARG E 4 9.59 -29.51 -3.08
N THR E 5 10.41 -28.62 -3.63
CA THR E 5 11.78 -28.58 -3.23
C THR E 5 11.92 -27.50 -2.15
N PRO E 6 12.71 -27.78 -1.11
CA PRO E 6 12.72 -26.87 0.03
C PRO E 6 13.26 -25.49 -0.36
N LYS E 7 12.65 -24.43 0.16
CA LYS E 7 13.28 -23.13 0.16
C LYS E 7 14.18 -23.16 1.37
N ILE E 8 15.38 -22.61 1.24
CA ILE E 8 16.40 -22.71 2.28
C ILE E 8 16.83 -21.31 2.68
N GLN E 9 16.81 -21.00 3.98
CA GLN E 9 17.28 -19.70 4.48
C GLN E 9 18.14 -19.92 5.72
N VAL E 10 19.35 -19.36 5.71
CA VAL E 10 20.24 -19.46 6.86
C VAL E 10 20.58 -18.07 7.42
N TYR E 11 20.45 -17.91 8.74
CA TYR E 11 20.49 -16.58 9.35
C TYR E 11 20.66 -16.71 10.85
N SER E 12 20.99 -15.59 11.50
CA SER E 12 21.08 -15.59 12.96
C SER E 12 19.81 -15.06 13.57
N ARG E 13 19.50 -15.53 14.77
CA ARG E 13 18.39 -15.02 15.57
C ARG E 13 18.52 -13.50 15.82
N HIS E 14 19.73 -13.04 16.08
CA HIS E 14 19.95 -11.61 16.34
C HIS E 14 20.94 -11.09 15.36
N PRO E 15 20.92 -9.77 15.10
CA PRO E 15 21.98 -9.21 14.26
C PRO E 15 23.32 -9.61 14.87
N ALA E 16 24.21 -10.20 14.06
CA ALA E 16 25.54 -10.64 14.52
C ALA E 16 26.38 -9.51 15.14
N GLU E 17 27.09 -9.84 16.21
CA GLU E 17 28.12 -8.97 16.82
C GLU E 17 29.28 -9.87 17.27
N ASN E 18 30.44 -9.75 16.63
CA ASN E 18 31.59 -10.64 16.91
C ASN E 18 31.93 -10.79 18.39
N GLY E 19 31.94 -12.04 18.87
CA GLY E 19 32.25 -12.32 20.27
C GLY E 19 31.04 -12.31 21.20
N LYS E 20 29.86 -12.03 20.65
CA LYS E 20 28.63 -12.14 21.42
C LYS E 20 27.87 -13.40 21.00
N SER E 21 27.25 -14.08 21.98
CA SER E 21 26.57 -15.33 21.68
C SER E 21 25.20 -15.06 21.06
N ASN E 22 24.81 -15.98 20.17
CA ASN E 22 23.66 -15.81 19.29
C ASN E 22 23.13 -17.21 19.02
N PHE E 23 22.23 -17.32 18.04
CA PHE E 23 21.75 -18.61 17.55
C PHE E 23 21.83 -18.63 16.02
N LEU E 24 22.37 -19.71 15.49
CA LEU E 24 22.41 -19.88 14.05
C LEU E 24 21.17 -20.69 13.65
N ASN E 25 20.58 -20.32 12.52
CA ASN E 25 19.30 -20.88 12.09
C ASN E 25 19.33 -21.32 10.64
N CYS E 26 18.66 -22.44 10.37
CA CYS E 26 18.36 -22.82 9.00
C CYS E 26 16.89 -23.26 8.93
N TYR E 27 16.14 -22.54 8.10
CA TYR E 27 14.72 -22.76 7.90
C TYR E 27 14.54 -23.35 6.52
N VAL E 28 13.89 -24.50 6.47
CA VAL E 28 13.58 -25.16 5.21
C VAL E 28 12.06 -25.23 5.12
N SER E 29 11.51 -24.77 4.00
CA SER E 29 10.07 -24.73 3.92
C SER E 29 9.62 -25.03 2.51
N GLY E 30 8.31 -25.16 2.33
CA GLY E 30 7.76 -25.35 1.02
C GLY E 30 8.03 -26.73 0.43
N PHE E 31 8.54 -27.66 1.24
CA PHE E 31 8.92 -28.96 0.70
C PHE E 31 7.93 -30.08 0.97
N HIS E 32 7.94 -31.04 0.06
CA HIS E 32 7.17 -32.25 0.15
C HIS E 32 7.88 -33.26 -0.72
N PRO E 33 8.13 -34.48 -0.19
CA PRO E 33 7.65 -35.03 1.07
C PRO E 33 8.52 -34.61 2.25
N SER E 34 8.28 -35.19 3.42
CA SER E 34 8.78 -34.66 4.67
C SER E 34 10.22 -35.02 4.99
N ASP E 35 10.73 -36.15 4.47
CA ASP E 35 12.09 -36.54 4.81
C ASP E 35 13.06 -35.55 4.24
N ILE E 36 13.85 -34.94 5.13
CA ILE E 36 14.81 -33.92 4.78
C ILE E 36 15.94 -33.95 5.81
N GLU E 37 17.14 -33.61 5.37
CA GLU E 37 18.28 -33.56 6.27
C GLU E 37 18.98 -32.24 6.15
N VAL E 38 19.47 -31.77 7.29
CA VAL E 38 20.16 -30.48 7.35
C VAL E 38 21.38 -30.55 8.26
N ASP E 39 22.49 -30.04 7.75
CA ASP E 39 23.66 -29.81 8.60
C ASP E 39 24.01 -28.32 8.62
N LEU E 40 24.34 -27.85 9.82
CA LEU E 40 24.97 -26.55 9.99
C LEU E 40 26.50 -26.76 9.99
N LEU E 41 27.22 -25.90 9.27
CA LEU E 41 28.66 -26.05 9.11
C LEU E 41 29.43 -24.89 9.69
N LYS E 42 30.51 -25.21 10.38
CA LYS E 42 31.47 -24.22 10.82
C LYS E 42 32.77 -24.50 10.10
N ASN E 43 33.15 -23.58 9.21
CA ASN E 43 34.35 -23.72 8.37
C ASN E 43 34.37 -25.07 7.67
N GLY E 44 33.26 -25.36 6.98
CA GLY E 44 33.15 -26.55 6.16
C GLY E 44 32.86 -27.83 6.92
N GLU E 45 32.88 -27.77 8.25
CA GLU E 45 32.73 -28.96 9.09
C GLU E 45 31.40 -28.97 9.85
N ARG E 46 30.76 -30.13 9.89
CA ARG E 46 29.47 -30.31 10.55
C ARG E 46 29.45 -29.90 12.04
N ILE E 47 28.51 -29.05 12.42
CA ILE E 47 28.28 -28.66 13.81
C ILE E 47 27.49 -29.75 14.55
N GLU E 48 27.76 -29.90 15.85
CA GLU E 48 27.43 -31.13 16.58
C GLU E 48 26.08 -31.19 17.30
N LYS E 49 25.81 -30.25 18.20
CA LYS E 49 24.55 -30.26 18.93
C LYS E 49 23.51 -29.39 18.24
N VAL E 50 23.07 -29.84 17.06
CA VAL E 50 22.05 -29.13 16.29
C VAL E 50 20.64 -29.63 16.65
N GLU E 51 19.78 -28.75 17.10
CA GLU E 51 18.41 -29.16 17.35
C GLU E 51 17.46 -28.69 16.26
N HIS E 52 16.26 -29.26 16.20
CA HIS E 52 15.24 -28.85 15.24
C HIS E 52 13.86 -28.78 15.84
N SER E 53 12.99 -28.01 15.20
CA SER E 53 11.58 -27.90 15.61
C SER E 53 10.82 -29.19 15.27
N ASP E 54 9.60 -29.30 15.79
CA ASP E 54 8.73 -30.43 15.43
C ASP E 54 8.09 -30.22 14.08
N LEU E 55 8.02 -31.28 13.29
CA LEU E 55 7.49 -31.24 11.93
C LEU E 55 6.10 -30.63 11.87
N SER E 56 5.93 -29.61 11.03
CA SER E 56 4.62 -29.02 10.75
C SER E 56 4.44 -28.74 9.25
N PHE E 57 3.28 -28.20 8.88
CA PHE E 57 3.04 -27.85 7.48
C PHE E 57 2.09 -26.67 7.30
N SER E 58 2.15 -26.08 6.12
CA SER E 58 1.41 -24.88 5.74
C SER E 58 0.02 -25.17 5.19
N LYS E 59 -0.62 -24.12 4.67
CA LYS E 59 -1.95 -24.17 4.05
C LYS E 59 -2.01 -25.07 2.84
N ASP E 60 -1.07 -24.89 1.90
CA ASP E 60 -0.82 -25.88 0.88
C ASP E 60 -0.23 -26.99 1.73
N TRP E 61 0.18 -28.13 1.22
CA TRP E 61 0.51 -29.09 2.28
C TRP E 61 1.96 -29.20 2.62
N SER E 62 2.74 -28.18 2.23
CA SER E 62 4.18 -28.29 2.22
C SER E 62 4.69 -28.16 3.65
N PHE E 63 5.82 -28.80 3.94
CA PHE E 63 6.33 -28.92 5.32
C PHE E 63 7.35 -27.83 5.62
N TYR E 64 7.47 -27.45 6.88
CA TYR E 64 8.54 -26.53 7.22
C TYR E 64 9.21 -26.98 8.51
N LEU E 65 10.49 -26.59 8.67
CA LEU E 65 11.27 -27.00 9.84
C LEU E 65 12.37 -25.99 10.13
N LEU E 66 12.64 -25.78 11.41
CA LEU E 66 13.71 -24.90 11.84
C LEU E 66 14.81 -25.68 12.59
N TYR E 67 16.04 -25.57 12.06
CA TYR E 67 17.24 -26.15 12.67
C TYR E 67 18.10 -25.06 13.28
N TYR E 68 18.62 -25.31 14.48
CA TYR E 68 19.28 -24.24 15.23
C TYR E 68 20.28 -24.73 16.25
N THR E 69 21.26 -23.87 16.52
CA THR E 69 22.34 -24.16 17.45
C THR E 69 22.88 -22.85 18.02
N GLU E 70 23.22 -22.87 19.32
CA GLU E 70 23.89 -21.74 19.96
C GLU E 70 25.24 -21.53 19.29
N PHE E 71 25.63 -20.28 19.07
CA PHE E 71 26.97 -19.98 18.58
C PHE E 71 27.44 -18.55 18.87
N THR E 72 28.75 -18.37 18.78
CA THR E 72 29.39 -17.08 18.90
C THR E 72 30.06 -16.79 17.54
N PRO E 73 29.54 -15.78 16.81
CA PRO E 73 30.15 -15.39 15.54
C PRO E 73 31.46 -14.64 15.78
N THR E 74 32.39 -14.81 14.85
CA THR E 74 33.66 -14.09 14.88
C THR E 74 33.85 -13.43 13.52
N GLU E 75 34.92 -12.65 13.39
CA GLU E 75 35.23 -12.04 12.10
C GLU E 75 35.74 -13.09 11.13
N LYS E 76 36.43 -14.10 11.66
CA LYS E 76 37.10 -15.11 10.84
C LYS E 76 36.18 -16.30 10.46
N ASP E 77 35.47 -16.87 11.45
CA ASP E 77 34.70 -18.11 11.27
C ASP E 77 33.60 -18.00 10.22
N GLU E 78 33.48 -19.03 9.38
CA GLU E 78 32.43 -19.10 8.35
C GLU E 78 31.40 -20.17 8.68
N TYR E 79 30.13 -19.89 8.39
CA TYR E 79 29.05 -20.84 8.65
C TYR E 79 28.18 -21.07 7.43
N ALA E 80 27.65 -22.28 7.29
CA ALA E 80 26.75 -22.60 6.18
C ALA E 80 25.67 -23.62 6.58
N CYS E 81 24.58 -23.67 5.80
CA CYS E 81 23.56 -24.69 5.92
C CYS E 81 23.88 -25.71 4.82
N ARG E 82 23.62 -26.99 5.07
CA ARG E 82 23.71 -28.01 4.01
C ARG E 82 22.47 -28.88 4.03
N VAL E 83 21.73 -28.86 2.93
CA VAL E 83 20.40 -29.49 2.88
C VAL E 83 20.34 -30.61 1.86
N ASN E 84 19.70 -31.72 2.22
CA ASN E 84 19.37 -32.76 1.24
C ASN E 84 17.91 -33.23 1.30
N HIS E 85 17.39 -33.58 0.13
CA HIS E 85 15.98 -33.90 -0.08
C HIS E 85 15.87 -34.58 -1.43
N VAL E 86 14.86 -35.45 -1.60
CA VAL E 86 14.71 -36.19 -2.88
C VAL E 86 14.74 -35.31 -4.11
N THR E 87 14.31 -34.07 -3.98
CA THR E 87 14.16 -33.21 -5.15
C THR E 87 15.50 -32.61 -5.55
N LEU E 88 16.52 -32.85 -4.72
CA LEU E 88 17.85 -32.26 -4.91
C LEU E 88 18.82 -33.32 -5.39
N SER E 89 19.35 -33.11 -6.59
CA SER E 89 20.37 -33.96 -7.21
C SER E 89 21.46 -34.29 -6.21
N GLN E 90 22.01 -33.26 -5.58
CA GLN E 90 23.02 -33.44 -4.56
C GLN E 90 22.73 -32.47 -3.42
N PRO E 91 23.31 -32.72 -2.23
CA PRO E 91 23.14 -31.79 -1.11
C PRO E 91 23.41 -30.34 -1.53
N LYS E 92 22.63 -29.41 -1.01
CA LYS E 92 22.78 -28.00 -1.32
C LYS E 92 23.39 -27.23 -0.16
N ILE E 93 24.49 -26.54 -0.43
CA ILE E 93 25.13 -25.69 0.57
C ILE E 93 24.67 -24.26 0.35
N VAL E 94 24.17 -23.64 1.41
CA VAL E 94 23.83 -22.22 1.36
C VAL E 94 24.67 -21.58 2.45
N LYS E 95 25.39 -20.53 2.10
CA LYS E 95 26.37 -19.94 3.01
C LYS E 95 25.68 -18.90 3.86
N TRP E 96 26.18 -18.68 5.06
CA TRP E 96 25.61 -17.65 5.93
C TRP E 96 26.13 -16.29 5.58
N ASP E 97 25.20 -15.41 5.25
CA ASP E 97 25.52 -14.01 4.96
C ASP E 97 24.92 -13.15 6.06
N ARG E 98 25.78 -12.51 6.84
CA ARG E 98 25.38 -11.59 7.89
C ARG E 98 24.22 -10.64 7.54
N ASP E 99 24.04 -10.35 6.25
CA ASP E 99 23.02 -9.40 5.77
C ASP E 99 22.12 -9.95 4.66
N MET E 100 22.22 -11.26 4.39
CA MET E 100 21.41 -12.05 3.41
C MET E 100 21.84 -11.98 1.93
N ARG F 1 -6.90 -29.09 22.89
CA ARG F 1 -7.60 -30.39 23.10
C ARG F 1 -7.71 -31.18 21.80
N TYR F 2 -7.03 -32.31 21.76
CA TYR F 2 -6.94 -33.15 20.56
C TYR F 2 -8.30 -33.67 20.08
N PRO F 3 -8.52 -33.71 18.76
CA PRO F 3 -9.78 -34.20 18.18
C PRO F 3 -10.13 -35.66 18.49
N LEU F 4 -11.39 -36.02 18.23
CA LEU F 4 -11.95 -37.35 18.39
C LEU F 4 -11.82 -38.13 17.08
N THR F 5 -10.89 -39.08 17.02
CA THR F 5 -10.50 -39.68 15.74
C THR F 5 -10.93 -41.13 15.49
N LEU F 6 -11.64 -41.74 16.44
CA LEU F 6 -12.07 -43.13 16.27
C LEU F 6 -12.93 -43.33 15.03
N GLY F 7 -13.73 -42.32 14.70
CA GLY F 7 -14.57 -42.39 13.51
C GLY F 7 -13.84 -42.14 12.20
N TRP F 8 -12.56 -41.80 12.25
CA TRP F 8 -11.87 -41.31 11.04
C TRP F 8 -11.34 -42.39 10.15
N CYS F 9 -11.91 -43.58 10.25
CA CYS F 9 -11.46 -44.68 9.43
C CYS F 9 -11.82 -44.46 7.96
N PHE F 10 -10.83 -44.57 7.09
CA PHE F 10 -11.05 -44.39 5.65
C PHE F 10 -11.92 -45.49 5.08
#